data_4H0P
#
_entry.id   4H0P
#
_cell.length_a   51.370
_cell.length_b   107.613
_cell.length_c   79.108
_cell.angle_alpha   90.00
_cell.angle_beta   99.83
_cell.angle_gamma   90.00
#
_symmetry.space_group_name_H-M   'P 1 21 1'
#
loop_
_entity.id
_entity.type
_entity.pdbx_description
1 polymer 'acetate kinase'
2 water water
#
_entity_poly.entity_id   1
_entity_poly.type   'polypeptide(L)'
_entity_poly.pdbx_seq_one_letter_code
;MPDKAEYLLAINCGSSSIKGKLFAIPSFELLANLAVTNISSSDERVKIKTTWEEGKGKDSEEEADYGDKIRYASLVPILL
DHLTNSTHVKKEEIKYVCHRVVHGGMHDKGIRVVKGHEEGLMEMDKLSEFAPLHNHRAVLAVKSCIDALPHHTSLLLFDT
IFHRTIAPEVYTYALPPPDTELTMPLRKYGFHGLSYASIVQSLAEHLKKPSDQINVVVAHLGSGSSSCCIKNGKSIDTSM
GLTPLEGLLGGTRSGTIDPTAIFHHTEDAASDANVGDFTVSKAEIILNKNSGFKALAGTTNFGHIIQNLDPSKCSEEDHE
KAKLTYAVFLDRLLNFVAQYLFKLLSEVPIESIDGLVFSGGIGEKGAELRRDVLKKLAWLGAEVDEEANNSNSGGAVKCI
TKEGSKLKGWVVETDEEGWMARMAKEEFGFLEHHHHHH
;
_entity_poly.pdbx_strand_id   A,B
#
# COMPACT_ATOMS: atom_id res chain seq x y z
N ALA A 5 33.15 -39.08 -0.40
CA ALA A 5 32.76 -37.84 -1.09
C ALA A 5 31.29 -37.51 -0.87
N GLU A 6 31.02 -36.30 -0.40
CA GLU A 6 29.65 -35.87 -0.12
C GLU A 6 29.39 -34.44 -0.63
N TYR A 7 28.18 -34.21 -1.15
CA TYR A 7 27.87 -32.86 -1.65
C TYR A 7 26.54 -32.33 -1.10
N LEU A 8 26.43 -31.00 -1.12
CA LEU A 8 25.16 -30.31 -0.90
C LEU A 8 24.83 -29.55 -2.17
N LEU A 9 23.62 -29.74 -2.68
CA LEU A 9 23.14 -28.98 -3.82
C LEU A 9 22.15 -27.92 -3.31
N ALA A 10 22.35 -26.68 -3.68
CA ALA A 10 21.40 -25.63 -3.28
C ALA A 10 20.76 -25.11 -4.57
N ILE A 11 19.45 -25.24 -4.69
CA ILE A 11 18.79 -24.78 -5.91
C ILE A 11 17.73 -23.72 -5.68
N ASN A 12 17.50 -22.95 -6.73
CA ASN A 12 16.60 -21.82 -6.71
C ASN A 12 15.76 -21.92 -7.98
N CYS A 13 14.55 -22.46 -7.87
CA CYS A 13 13.70 -22.68 -9.03
C CYS A 13 12.81 -21.49 -9.38
N GLY A 14 13.11 -20.82 -10.49
CA GLY A 14 12.25 -19.77 -11.01
C GLY A 14 11.43 -20.23 -12.21
N SER A 15 10.59 -19.32 -12.72
CA SER A 15 9.76 -19.63 -13.89
C SER A 15 10.59 -19.71 -15.17
N SER A 16 11.62 -18.89 -15.29
CA SER A 16 12.42 -18.90 -16.52
C SER A 16 13.79 -19.56 -16.38
N SER A 17 14.26 -19.75 -15.14
CA SER A 17 15.53 -20.44 -14.95
C SER A 17 15.59 -21.18 -13.62
N ILE A 18 16.52 -22.12 -13.52
CA ILE A 18 16.92 -22.68 -12.23
C ILE A 18 18.37 -22.36 -12.01
N LYS A 19 18.72 -21.81 -10.86
CA LYS A 19 20.11 -21.53 -10.56
C LYS A 19 20.48 -22.38 -9.37
N GLY A 20 21.70 -22.89 -9.36
CA GLY A 20 22.10 -23.75 -8.25
C GLY A 20 23.58 -23.65 -7.96
N LYS A 21 23.99 -24.15 -6.81
CA LYS A 21 25.40 -24.25 -6.47
C LYS A 21 25.63 -25.60 -5.86
N LEU A 22 26.81 -26.16 -6.11
CA LEU A 22 27.20 -27.47 -5.59
C LEU A 22 28.25 -27.21 -4.56
N PHE A 23 28.09 -27.77 -3.36
CA PHE A 23 29.04 -27.55 -2.29
C PHE A 23 29.61 -28.88 -1.85
N ALA A 24 30.85 -28.86 -1.38
CA ALA A 24 31.49 -30.03 -0.80
C ALA A 24 31.12 -30.19 0.68
N ILE A 25 30.77 -31.41 1.09
CA ILE A 25 30.45 -31.68 2.50
C ILE A 25 31.54 -32.57 3.06
N PRO A 26 31.99 -32.34 4.31
CA PRO A 26 31.57 -31.35 5.32
C PRO A 26 32.29 -30.02 5.24
N SER A 27 33.01 -29.75 4.16
CA SER A 27 33.74 -28.49 4.02
C SER A 27 32.85 -27.26 3.81
N PHE A 28 31.74 -27.46 3.08
CA PHE A 28 30.91 -26.36 2.57
C PHE A 28 31.70 -25.44 1.64
N GLU A 29 32.67 -26.03 0.95
CA GLU A 29 33.40 -25.30 -0.08
C GLU A 29 32.65 -25.35 -1.39
N LEU A 30 32.43 -24.16 -1.96
CA LEU A 30 31.72 -24.05 -3.23
C LEU A 30 32.51 -24.71 -4.33
N LEU A 31 31.83 -25.57 -5.10
CA LEU A 31 32.48 -26.32 -6.16
C LEU A 31 32.04 -25.82 -7.52
N ALA A 32 30.74 -25.65 -7.70
CA ALA A 32 30.19 -25.37 -9.02
C ALA A 32 29.00 -24.44 -8.99
N ASN A 33 28.82 -23.70 -10.08
CA ASN A 33 27.57 -23.02 -10.35
C ASN A 33 26.85 -23.76 -11.45
N LEU A 34 25.54 -23.91 -11.28
CA LEU A 34 24.70 -24.59 -12.23
C LEU A 34 23.60 -23.64 -12.69
N ALA A 35 23.21 -23.77 -13.94
CA ALA A 35 22.12 -22.95 -14.47
C ALA A 35 21.35 -23.77 -15.48
N VAL A 36 20.03 -23.72 -15.36
CA VAL A 36 19.15 -24.26 -16.37
C VAL A 36 18.39 -23.06 -16.90
N THR A 37 18.52 -22.77 -18.20
CA THR A 37 17.90 -21.56 -18.74
C THR A 37 16.91 -21.87 -19.85
N ASN A 38 16.15 -20.86 -20.28
CA ASN A 38 15.14 -21.00 -21.32
C ASN A 38 14.01 -21.98 -20.97
N ILE A 39 13.62 -22.01 -19.69
CA ILE A 39 12.59 -22.94 -19.22
C ILE A 39 11.21 -22.76 -19.88
N SER A 40 10.78 -21.52 -20.01
CA SER A 40 9.46 -21.26 -20.62
C SER A 40 9.40 -21.59 -22.11
N SER A 41 10.50 -21.32 -22.80
CA SER A 41 10.47 -21.04 -24.24
C SER A 41 9.94 -22.14 -25.15
N SER A 42 9.24 -21.71 -26.20
CA SER A 42 8.74 -22.60 -27.24
C SER A 42 9.72 -22.60 -28.43
N ASP A 43 10.61 -21.61 -28.43
CA ASP A 43 11.50 -21.36 -29.56
C ASP A 43 12.96 -21.74 -29.26
N GLU A 44 13.43 -21.38 -28.06
CA GLU A 44 14.80 -21.72 -27.69
C GLU A 44 14.83 -23.01 -26.87
N ARG A 45 15.96 -23.69 -26.93
CA ARG A 45 16.10 -24.99 -26.30
C ARG A 45 16.65 -24.82 -24.89
N VAL A 46 16.11 -25.60 -23.96
CA VAL A 46 16.59 -25.56 -22.57
C VAL A 46 18.07 -25.85 -22.49
N LYS A 47 18.81 -24.91 -21.90
CA LYS A 47 20.26 -25.04 -21.76
C LYS A 47 20.63 -25.39 -20.32
N ILE A 48 21.61 -26.28 -20.17
CA ILE A 48 22.07 -26.66 -18.85
C ILE A 48 23.57 -26.55 -18.81
N LYS A 49 24.06 -25.72 -17.88
CA LYS A 49 25.46 -25.35 -17.86
C LYS A 49 26.00 -25.47 -16.45
N THR A 50 27.21 -26.01 -16.35
CA THR A 50 27.92 -26.11 -15.09
C THR A 50 29.16 -25.25 -15.22
N THR A 51 29.53 -24.58 -14.13
CA THR A 51 30.70 -23.72 -14.12
C THR A 51 31.49 -23.88 -12.82
N TRP A 52 32.49 -24.77 -12.87
CA TRP A 52 33.32 -25.02 -11.69
C TRP A 52 34.23 -23.83 -11.40
N GLU A 53 34.99 -23.93 -10.31
CA GLU A 53 35.90 -22.86 -9.91
C GLU A 53 37.35 -23.35 -9.89
N GLU A 54 38.26 -22.51 -10.36
CA GLU A 54 39.67 -22.85 -10.40
C GLU A 54 39.88 -24.27 -10.93
N GLY A 55 39.97 -25.23 -10.03
CA GLY A 55 40.17 -26.62 -10.41
C GLY A 55 39.25 -27.57 -9.67
N LYS A 56 37.96 -27.49 -9.96
CA LYS A 56 36.97 -28.35 -9.32
C LYS A 56 36.25 -29.24 -10.34
N GLY A 57 36.18 -28.77 -11.58
CA GLY A 57 35.54 -29.51 -12.65
C GLY A 57 35.65 -28.83 -13.99
N LYS A 58 35.52 -29.60 -15.06
CA LYS A 58 35.61 -29.07 -16.42
C LYS A 58 34.25 -28.63 -16.93
N ASP A 59 34.12 -27.34 -17.25
CA ASP A 59 32.87 -26.79 -17.75
C ASP A 59 32.26 -27.69 -18.82
N SER A 60 30.96 -27.60 -19.00
CA SER A 60 30.25 -28.40 -20.00
C SER A 60 28.80 -27.97 -20.13
N GLU A 61 28.40 -27.64 -21.36
CA GLU A 61 27.03 -27.21 -21.62
C GLU A 61 26.20 -28.34 -22.23
N GLU A 62 24.91 -28.34 -21.95
CA GLU A 62 24.01 -29.37 -22.47
C GLU A 62 22.68 -28.77 -22.92
N GLU A 63 22.31 -29.04 -24.16
CA GLU A 63 21.06 -28.54 -24.71
C GLU A 63 19.99 -29.62 -24.75
N ALA A 64 18.87 -29.37 -24.08
CA ALA A 64 17.77 -30.32 -24.03
C ALA A 64 16.70 -29.83 -24.99
N ASP A 65 15.50 -30.38 -24.86
CA ASP A 65 14.39 -29.99 -25.73
C ASP A 65 14.03 -28.51 -25.56
N TYR A 66 13.19 -28.00 -26.47
CA TYR A 66 12.65 -26.66 -26.33
C TYR A 66 11.84 -26.62 -25.04
N GLY A 67 11.92 -25.51 -24.31
CA GLY A 67 11.31 -25.39 -22.99
C GLY A 67 9.85 -25.75 -22.88
N ASP A 68 9.07 -25.43 -23.91
CA ASP A 68 7.63 -25.68 -23.91
C ASP A 68 7.26 -27.16 -24.06
N LYS A 69 8.26 -28.00 -24.26
CA LYS A 69 8.05 -29.44 -24.44
C LYS A 69 8.63 -30.25 -23.27
N ILE A 70 9.03 -29.54 -22.22
CA ILE A 70 9.56 -30.19 -21.02
C ILE A 70 8.69 -29.82 -19.83
N ARG A 71 8.19 -30.82 -19.10
CA ARG A 71 7.45 -30.56 -17.87
C ARG A 71 8.41 -30.04 -16.81
N TYR A 72 7.93 -29.14 -15.95
CA TYR A 72 8.82 -28.56 -14.96
C TYR A 72 9.36 -29.64 -14.04
N ALA A 73 8.54 -30.64 -13.77
CA ALA A 73 8.91 -31.73 -12.88
C ALA A 73 10.10 -32.53 -13.41
N SER A 74 10.40 -32.38 -14.70
CA SER A 74 11.50 -33.13 -15.34
C SER A 74 12.82 -32.35 -15.41
N LEU A 75 12.80 -31.08 -15.04
CA LEU A 75 14.00 -30.27 -15.14
C LEU A 75 15.12 -30.67 -14.16
N VAL A 76 14.80 -30.72 -12.88
CA VAL A 76 15.82 -31.12 -11.90
C VAL A 76 16.43 -32.50 -12.19
N PRO A 77 15.59 -33.50 -12.53
CA PRO A 77 16.21 -34.79 -12.89
C PRO A 77 17.09 -34.68 -14.14
N ILE A 78 16.70 -33.88 -15.13
CA ILE A 78 17.57 -33.63 -16.28
C ILE A 78 18.86 -32.96 -15.79
N LEU A 79 18.71 -31.99 -14.91
CA LEU A 79 19.86 -31.31 -14.31
C LEU A 79 20.73 -32.31 -13.56
N LEU A 80 20.09 -33.25 -12.87
CA LEU A 80 20.80 -34.24 -12.06
C LEU A 80 21.56 -35.23 -12.95
N ASP A 81 20.90 -35.67 -14.02
CA ASP A 81 21.54 -36.53 -15.00
C ASP A 81 22.77 -35.80 -15.56
N HIS A 82 22.59 -34.56 -16.00
CA HIS A 82 23.70 -33.76 -16.51
C HIS A 82 24.88 -33.72 -15.56
N LEU A 83 24.58 -33.62 -14.27
CA LEU A 83 25.63 -33.54 -13.26
C LEU A 83 26.42 -34.84 -13.16
N THR A 84 25.72 -35.96 -13.23
CA THR A 84 26.32 -37.27 -12.99
C THR A 84 26.97 -37.92 -14.22
N ASN A 85 26.21 -38.10 -15.30
CA ASN A 85 26.76 -38.71 -16.52
C ASN A 85 27.51 -37.73 -17.44
N SER A 86 27.98 -36.63 -16.86
CA SER A 86 28.83 -35.66 -17.55
C SER A 86 29.97 -35.14 -16.66
N THR A 87 29.85 -35.32 -15.34
CA THR A 87 30.99 -35.10 -14.41
C THR A 87 31.24 -36.21 -13.37
N HIS A 88 32.14 -35.91 -12.44
CA HIS A 88 32.68 -36.88 -11.48
C HIS A 88 31.77 -37.11 -10.27
N VAL A 89 30.63 -36.45 -10.25
CA VAL A 89 29.72 -36.53 -9.10
C VAL A 89 28.66 -37.62 -9.28
N LYS A 90 28.46 -38.40 -8.23
CA LYS A 90 27.48 -39.49 -8.25
C LYS A 90 26.22 -39.14 -7.43
N LYS A 91 25.04 -39.51 -7.93
CA LYS A 91 23.80 -39.20 -7.24
C LYS A 91 23.82 -39.60 -5.77
N GLU A 92 24.31 -40.80 -5.46
CA GLU A 92 24.30 -41.26 -4.07
C GLU A 92 25.26 -40.44 -3.22
N GLU A 93 26.08 -39.61 -3.86
CA GLU A 93 26.96 -38.69 -3.13
C GLU A 93 26.30 -37.35 -2.78
N ILE A 94 25.14 -37.07 -3.35
CA ILE A 94 24.38 -35.86 -2.97
C ILE A 94 23.57 -36.15 -1.70
N LYS A 95 24.11 -35.73 -0.56
CA LYS A 95 23.49 -36.03 0.73
C LYS A 95 22.36 -35.05 1.06
N TYR A 96 22.47 -33.82 0.56
CA TYR A 96 21.56 -32.74 0.90
C TYR A 96 21.22 -31.90 -0.31
N VAL A 97 19.97 -31.45 -0.38
CA VAL A 97 19.56 -30.48 -1.40
C VAL A 97 18.78 -29.39 -0.71
N CYS A 98 19.23 -28.14 -0.84
CA CYS A 98 18.52 -27.00 -0.28
C CYS A 98 17.70 -26.37 -1.37
N HIS A 99 16.47 -25.96 -1.06
CA HIS A 99 15.55 -25.40 -2.05
C HIS A 99 15.07 -24.06 -1.54
N ARG A 100 15.07 -23.06 -2.41
CA ARG A 100 14.47 -21.78 -2.06
C ARG A 100 13.00 -21.89 -2.35
N VAL A 101 12.19 -21.79 -1.30
CA VAL A 101 10.75 -21.80 -1.44
C VAL A 101 10.27 -20.44 -0.98
N VAL A 102 9.54 -19.73 -1.84
CA VAL A 102 9.21 -18.34 -1.56
C VAL A 102 8.39 -18.19 -0.26
N HIS A 103 7.27 -18.89 -0.16
CA HIS A 103 6.35 -18.63 0.94
C HIS A 103 6.38 -19.73 1.99
N GLY A 104 6.92 -19.41 3.17
CA GLY A 104 7.03 -20.36 4.25
C GLY A 104 6.03 -20.15 5.36
N GLY A 105 5.05 -19.27 5.14
CA GLY A 105 4.04 -18.99 6.15
C GLY A 105 4.65 -18.63 7.50
N MET A 106 4.19 -19.30 8.55
CA MET A 106 4.63 -19.04 9.92
C MET A 106 5.89 -19.79 10.36
N HIS A 107 6.58 -20.48 9.45
CA HIS A 107 7.77 -21.24 9.84
C HIS A 107 8.96 -20.38 10.24
N ASP A 108 9.54 -20.67 11.41
CA ASP A 108 10.68 -19.92 11.92
C ASP A 108 11.96 -20.43 11.28
N LYS A 109 11.94 -21.70 10.83
CA LYS A 109 13.13 -22.31 10.27
C LYS A 109 12.78 -23.17 9.07
N GLY A 110 13.82 -23.64 8.37
CA GLY A 110 13.62 -24.54 7.26
C GLY A 110 12.95 -25.85 7.68
N ILE A 111 12.40 -26.55 6.70
CA ILE A 111 11.71 -27.81 6.93
C ILE A 111 12.48 -28.91 6.21
N ARG A 112 12.82 -30.00 6.90
CA ARG A 112 13.40 -31.15 6.23
C ARG A 112 12.31 -31.94 5.55
N VAL A 113 12.60 -32.42 4.34
CA VAL A 113 11.69 -33.31 3.62
C VAL A 113 12.54 -34.54 3.33
N VAL A 114 12.08 -35.67 3.84
CA VAL A 114 12.80 -36.94 3.71
C VAL A 114 11.80 -37.97 3.21
N LYS A 115 12.20 -38.76 2.23
CA LYS A 115 11.28 -39.75 1.65
C LYS A 115 10.68 -40.64 2.75
N GLY A 116 9.36 -40.84 2.68
CA GLY A 116 8.67 -41.66 3.67
C GLY A 116 8.17 -40.88 4.89
N HIS A 117 8.79 -39.74 5.19
CA HIS A 117 8.37 -38.95 6.35
C HIS A 117 7.22 -38.05 5.97
N GLU A 118 6.06 -38.37 6.52
CA GLU A 118 4.81 -37.78 6.09
C GLU A 118 4.71 -36.31 6.45
N GLU A 119 5.29 -35.92 7.59
CA GLU A 119 5.06 -34.58 8.10
C GLU A 119 5.60 -33.49 7.16
N GLY A 120 6.87 -33.63 6.78
CA GLY A 120 7.53 -32.65 5.95
C GLY A 120 6.86 -32.58 4.59
N LEU A 121 6.45 -33.73 4.09
CA LEU A 121 5.84 -33.81 2.78
C LEU A 121 4.46 -33.17 2.79
N MET A 122 3.71 -33.39 3.87
CA MET A 122 2.37 -32.83 3.96
C MET A 122 2.40 -31.33 4.16
N GLU A 123 3.40 -30.85 4.91
CA GLU A 123 3.54 -29.44 5.17
C GLU A 123 3.91 -28.72 3.89
N MET A 124 4.81 -29.33 3.13
CA MET A 124 5.23 -28.80 1.85
C MET A 124 4.06 -28.66 0.87
N ASP A 125 3.16 -29.66 0.85
CA ASP A 125 1.97 -29.61 0.01
C ASP A 125 1.03 -28.50 0.44
N LYS A 126 0.92 -28.25 1.74
CA LYS A 126 0.04 -27.18 2.22
C LYS A 126 0.58 -25.81 1.80
N LEU A 127 1.90 -25.67 1.83
CA LEU A 127 2.53 -24.41 1.39
C LEU A 127 2.38 -24.24 -0.10
N SER A 128 2.55 -25.32 -0.84
CA SER A 128 2.41 -25.26 -2.29
C SER A 128 0.97 -24.85 -2.64
N GLU A 129 0.01 -25.38 -1.90
CA GLU A 129 -1.40 -25.17 -2.23
C GLU A 129 -1.87 -23.77 -1.88
N PHE A 130 -1.35 -23.24 -0.78
CA PHE A 130 -1.71 -21.91 -0.34
C PHE A 130 -1.26 -20.83 -1.32
N ALA A 131 -0.02 -20.95 -1.81
CA ALA A 131 0.55 -19.94 -2.70
C ALA A 131 1.21 -20.55 -3.93
N PRO A 132 0.39 -21.15 -4.83
CA PRO A 132 1.02 -21.93 -5.91
C PRO A 132 1.77 -21.09 -6.94
N LEU A 133 1.33 -19.85 -7.16
CA LEU A 133 2.00 -19.01 -8.13
C LEU A 133 3.45 -18.90 -7.72
N HIS A 134 3.68 -18.89 -6.41
CA HIS A 134 5.01 -18.65 -5.88
C HIS A 134 5.73 -19.93 -5.48
N ASN A 135 4.98 -20.94 -5.06
CA ASN A 135 5.58 -22.13 -4.47
C ASN A 135 5.50 -23.39 -5.33
N HIS A 136 4.59 -23.41 -6.30
CA HIS A 136 4.44 -24.56 -7.18
C HIS A 136 5.78 -25.22 -7.47
N ARG A 137 6.47 -24.72 -8.51
CA ARG A 137 7.77 -25.25 -8.89
C ARG A 137 8.62 -25.56 -7.66
N ALA A 138 8.69 -24.60 -6.74
CA ALA A 138 9.46 -24.78 -5.52
C ALA A 138 9.19 -26.15 -4.89
N VAL A 139 7.93 -26.55 -4.91
CA VAL A 139 7.53 -27.85 -4.35
C VAL A 139 7.75 -28.97 -5.36
N LEU A 140 7.53 -28.66 -6.64
CA LEU A 140 7.70 -29.63 -7.70
C LEU A 140 9.14 -30.14 -7.76
N ALA A 141 10.08 -29.21 -7.69
CA ALA A 141 11.50 -29.56 -7.73
C ALA A 141 11.87 -30.49 -6.58
N VAL A 142 11.31 -30.22 -5.39
CA VAL A 142 11.56 -31.03 -4.22
C VAL A 142 11.04 -32.45 -4.42
N LYS A 143 9.84 -32.56 -4.97
CA LYS A 143 9.24 -33.87 -5.23
C LYS A 143 10.07 -34.68 -6.20
N SER A 144 10.58 -34.02 -7.23
CA SER A 144 11.39 -34.68 -8.24
C SER A 144 12.69 -35.21 -7.62
N CYS A 145 13.27 -34.43 -6.72
CA CYS A 145 14.51 -34.82 -6.06
C CYS A 145 14.29 -36.04 -5.17
N ILE A 146 13.16 -36.07 -4.47
CA ILE A 146 12.83 -37.19 -3.59
C ILE A 146 12.80 -38.47 -4.43
N ASP A 147 12.29 -38.34 -5.65
CA ASP A 147 12.23 -39.47 -6.59
C ASP A 147 13.59 -39.88 -7.10
N ALA A 148 14.38 -38.90 -7.56
CA ALA A 148 15.67 -39.17 -8.20
C ALA A 148 16.76 -39.50 -7.20
N LEU A 149 16.65 -38.99 -5.98
CA LEU A 149 17.66 -39.20 -4.95
C LEU A 149 17.00 -39.70 -3.66
N PRO A 150 16.60 -40.98 -3.64
CA PRO A 150 15.80 -41.56 -2.55
C PRO A 150 16.41 -41.45 -1.14
N HIS A 151 17.72 -41.27 -1.03
CA HIS A 151 18.37 -41.23 0.28
C HIS A 151 18.88 -39.85 0.75
N HIS A 152 18.60 -38.79 0.01
CA HIS A 152 19.05 -37.48 0.44
C HIS A 152 18.01 -36.83 1.36
N THR A 153 18.43 -35.80 2.09
CA THR A 153 17.48 -34.99 2.83
C THR A 153 17.33 -33.65 2.11
N SER A 154 16.10 -33.28 1.78
CA SER A 154 15.84 -31.94 1.23
C SER A 154 15.59 -30.97 2.37
N LEU A 155 16.03 -29.72 2.21
CA LEU A 155 15.79 -28.71 3.23
C LEU A 155 15.10 -27.55 2.52
N LEU A 156 13.90 -27.19 2.95
CA LEU A 156 13.22 -26.06 2.33
C LEU A 156 13.59 -24.82 3.12
N LEU A 157 14.16 -23.82 2.46
CA LEU A 157 14.45 -22.56 3.14
C LEU A 157 13.58 -21.47 2.55
N PHE A 158 12.91 -20.74 3.41
CA PHE A 158 11.85 -19.88 2.94
C PHE A 158 12.27 -18.43 2.96
N ASP A 159 11.73 -17.65 2.01
CA ASP A 159 12.05 -16.22 1.94
C ASP A 159 11.31 -15.42 2.99
N THR A 160 10.40 -16.06 3.69
CA THR A 160 9.61 -15.42 4.73
C THR A 160 10.29 -15.48 6.09
N ILE A 161 11.23 -16.42 6.24
CA ILE A 161 11.94 -16.61 7.51
C ILE A 161 12.58 -15.36 8.09
N PHE A 162 13.25 -14.59 7.26
CA PHE A 162 13.92 -13.38 7.76
C PHE A 162 12.93 -12.38 8.37
N HIS A 163 11.67 -12.46 7.99
CA HIS A 163 10.68 -11.47 8.45
C HIS A 163 9.83 -11.96 9.62
N ARG A 164 10.20 -13.09 10.21
CA ARG A 164 9.40 -13.63 11.30
C ARG A 164 9.45 -12.73 12.53
N THR A 165 10.42 -11.83 12.58
CA THR A 165 10.60 -10.86 13.65
C THR A 165 9.64 -9.65 13.62
N ILE A 166 9.00 -9.39 12.48
CA ILE A 166 8.14 -8.20 12.36
C ILE A 166 7.04 -8.21 13.43
N ALA A 167 6.77 -7.06 14.06
CA ALA A 167 5.76 -6.97 15.14
C ALA A 167 4.32 -6.99 14.62
N PRO A 168 3.36 -7.38 15.48
CA PRO A 168 1.94 -7.43 15.10
C PRO A 168 1.37 -6.14 14.53
N GLU A 169 1.75 -4.99 15.06
CA GLU A 169 1.15 -3.77 14.55
C GLU A 169 1.59 -3.49 13.11
N VAL A 170 2.69 -4.11 12.67
CA VAL A 170 3.14 -3.98 11.28
C VAL A 170 2.49 -5.03 10.39
N TYR A 171 2.48 -6.28 10.82
CA TYR A 171 1.99 -7.37 9.95
C TYR A 171 0.49 -7.58 9.86
N THR A 172 -0.26 -6.99 10.79
CA THR A 172 -1.69 -7.25 10.88
C THR A 172 -2.47 -6.70 9.69
N TYR A 173 -3.31 -7.55 9.11
CA TYR A 173 -4.33 -7.12 8.14
C TYR A 173 -5.64 -7.01 8.91
N ALA A 174 -6.31 -5.87 8.78
CA ALA A 174 -7.54 -5.61 9.51
C ALA A 174 -8.71 -6.24 8.77
N LEU A 175 -8.76 -7.56 8.74
CA LEU A 175 -9.81 -8.30 8.05
C LEU A 175 -10.53 -9.19 9.05
N PRO A 176 -11.82 -9.49 8.80
CA PRO A 176 -12.50 -10.45 9.66
C PRO A 176 -11.97 -11.86 9.42
N PRO A 177 -12.40 -12.85 10.24
CA PRO A 177 -11.93 -14.22 9.93
C PRO A 177 -12.36 -14.67 8.53
N PRO A 178 -11.54 -15.49 7.88
CA PRO A 178 -11.95 -15.97 6.55
C PRO A 178 -13.14 -16.91 6.62
N ASP A 179 -13.77 -17.15 5.49
CA ASP A 179 -15.00 -17.96 5.42
C ASP A 179 -14.76 -19.43 5.76
N THR A 180 -13.48 -19.80 5.86
CA THR A 180 -13.04 -21.18 6.01
C THR A 180 -11.71 -21.16 6.73
N GLU A 181 -11.38 -22.26 7.40
CA GLU A 181 -10.05 -22.42 8.01
C GLU A 181 -8.97 -22.42 6.94
N LEU A 182 -8.03 -21.47 7.04
CA LEU A 182 -6.91 -21.44 6.08
C LEU A 182 -5.64 -22.05 6.67
N THR A 183 -4.70 -22.35 5.79
CA THR A 183 -3.41 -22.94 6.13
C THR A 183 -2.58 -22.02 7.02
N MET A 184 -2.75 -20.71 6.82
CA MET A 184 -1.98 -19.76 7.61
C MET A 184 -2.80 -18.49 7.67
N PRO A 185 -2.52 -17.64 8.65
CA PRO A 185 -3.29 -16.38 8.74
C PRO A 185 -3.06 -15.44 7.56
N LEU A 186 -4.06 -14.61 7.25
CA LEU A 186 -3.87 -13.57 6.25
C LEU A 186 -3.24 -12.37 6.95
N ARG A 187 -2.01 -12.07 6.58
CA ARG A 187 -1.23 -11.00 7.21
C ARG A 187 -0.06 -10.74 6.29
N LYS A 188 0.74 -9.75 6.62
CA LYS A 188 1.96 -9.48 5.88
C LYS A 188 2.97 -10.54 6.26
N TYR A 189 3.64 -11.11 5.27
CA TYR A 189 4.71 -12.10 5.51
C TYR A 189 6.04 -11.47 5.10
N GLY A 190 6.15 -11.01 3.88
CA GLY A 190 7.39 -10.39 3.46
C GLY A 190 8.27 -11.42 2.80
N PHE A 191 9.11 -11.01 1.85
CA PHE A 191 9.85 -12.01 1.09
C PHE A 191 11.26 -11.54 0.83
N HIS A 192 11.93 -12.16 -0.14
CA HIS A 192 13.36 -11.91 -0.38
C HIS A 192 14.22 -12.08 0.87
N GLY A 193 13.77 -12.90 1.81
CA GLY A 193 14.48 -12.95 3.09
C GLY A 193 15.89 -13.54 3.02
N LEU A 194 16.10 -14.47 2.09
CA LEU A 194 17.43 -15.03 1.89
C LEU A 194 18.40 -13.97 1.40
N SER A 195 17.94 -13.09 0.52
CA SER A 195 18.77 -11.96 0.10
C SER A 195 19.04 -10.98 1.20
N TYR A 196 17.97 -10.53 1.88
CA TYR A 196 18.17 -9.62 3.01
C TYR A 196 19.15 -10.20 4.05
N ALA A 197 18.99 -11.46 4.41
CA ALA A 197 19.87 -12.06 5.41
C ALA A 197 21.32 -12.02 4.89
N SER A 198 21.48 -12.35 3.62
CA SER A 198 22.80 -12.43 3.00
C SER A 198 23.45 -11.04 2.98
N ILE A 199 22.64 -10.05 2.61
CA ILE A 199 23.07 -8.66 2.57
C ILE A 199 23.52 -8.13 3.93
N VAL A 200 22.74 -8.39 4.96
CA VAL A 200 23.11 -7.97 6.31
C VAL A 200 24.44 -8.61 6.68
N GLN A 201 24.58 -9.90 6.39
CA GLN A 201 25.82 -10.55 6.76
C GLN A 201 27.04 -10.00 6.00
N SER A 202 26.87 -9.72 4.71
CA SER A 202 27.97 -9.17 3.90
C SER A 202 28.36 -7.81 4.42
N LEU A 203 27.35 -6.99 4.71
CA LEU A 203 27.62 -5.65 5.20
C LEU A 203 28.26 -5.71 6.58
N ALA A 204 27.83 -6.64 7.42
CA ALA A 204 28.42 -6.73 8.75
C ALA A 204 29.90 -7.13 8.68
N GLU A 205 30.21 -8.07 7.80
CA GLU A 205 31.60 -8.49 7.60
C GLU A 205 32.43 -7.37 7.02
N HIS A 206 31.86 -6.65 6.07
CA HIS A 206 32.56 -5.53 5.47
C HIS A 206 32.88 -4.47 6.51
N LEU A 207 31.93 -4.20 7.39
CA LEU A 207 32.10 -3.15 8.38
C LEU A 207 32.77 -3.68 9.64
N LYS A 208 33.08 -4.97 9.63
CA LYS A 208 33.74 -5.63 10.76
C LYS A 208 33.00 -5.44 12.09
N LYS A 209 31.68 -5.68 12.06
CA LYS A 209 30.90 -5.63 13.28
C LYS A 209 29.83 -6.72 13.20
N PRO A 210 29.26 -7.12 14.34
CA PRO A 210 28.30 -8.22 14.21
C PRO A 210 27.00 -7.77 13.55
N SER A 211 26.30 -8.71 12.90
CA SER A 211 25.10 -8.40 12.15
C SER A 211 24.01 -7.85 13.04
N ASP A 212 24.04 -8.20 14.32
CA ASP A 212 23.04 -7.69 15.26
C ASP A 212 23.25 -6.22 15.58
N GLN A 213 24.26 -5.59 14.96
CA GLN A 213 24.44 -4.15 15.13
C GLN A 213 24.18 -3.39 13.83
N ILE A 214 23.67 -4.10 12.83
CA ILE A 214 23.39 -3.50 11.52
C ILE A 214 22.01 -2.82 11.50
N ASN A 215 22.00 -1.57 11.09
CA ASN A 215 20.78 -0.78 10.93
C ASN A 215 20.78 -0.19 9.56
N VAL A 216 19.86 -0.66 8.72
CA VAL A 216 19.95 -0.33 7.31
C VAL A 216 18.58 -0.40 6.63
N VAL A 217 18.45 0.34 5.55
CA VAL A 217 17.31 0.18 4.66
C VAL A 217 17.84 -0.48 3.39
N VAL A 218 17.18 -1.55 2.95
CA VAL A 218 17.61 -2.25 1.75
C VAL A 218 16.52 -2.16 0.68
N ALA A 219 16.93 -1.82 -0.54
CA ALA A 219 16.05 -1.86 -1.70
C ALA A 219 16.58 -2.99 -2.58
N HIS A 220 15.86 -4.11 -2.58
CA HIS A 220 16.28 -5.29 -3.33
C HIS A 220 15.43 -5.28 -4.60
N LEU A 221 16.06 -4.87 -5.71
CA LEU A 221 15.32 -4.51 -6.90
C LEU A 221 15.62 -5.44 -8.06
N GLY A 222 14.57 -5.98 -8.67
CA GLY A 222 14.73 -6.93 -9.76
C GLY A 222 13.38 -7.20 -10.37
N SER A 223 13.22 -8.36 -11.00
CA SER A 223 11.92 -8.68 -11.61
C SER A 223 10.84 -8.74 -10.54
N GLY A 224 11.18 -9.18 -9.34
CA GLY A 224 10.39 -8.89 -8.16
C GLY A 224 11.22 -7.91 -7.36
N SER A 225 10.58 -6.86 -6.86
CA SER A 225 11.29 -5.83 -6.13
C SER A 225 10.66 -5.67 -4.75
N SER A 226 11.52 -5.45 -3.74
CA SER A 226 11.00 -5.06 -2.43
C SER A 226 12.02 -4.22 -1.68
N SER A 227 11.59 -3.77 -0.53
CA SER A 227 12.45 -3.01 0.36
C SER A 227 12.20 -3.51 1.78
N CYS A 228 13.21 -3.37 2.64
CA CYS A 228 13.12 -3.87 4.00
C CYS A 228 13.81 -2.89 4.94
N CYS A 229 13.21 -2.68 6.10
CA CYS A 229 13.78 -1.87 7.16
C CYS A 229 14.41 -2.84 8.17
N ILE A 230 15.71 -2.70 8.40
CA ILE A 230 16.44 -3.64 9.23
C ILE A 230 17.03 -2.88 10.40
N LYS A 231 16.66 -3.32 11.60
CA LYS A 231 17.15 -2.72 12.84
C LYS A 231 17.77 -3.80 13.73
N ASN A 232 18.97 -3.52 14.23
CA ASN A 232 19.74 -4.55 14.94
C ASN A 232 19.81 -5.87 14.16
N GLY A 233 19.99 -5.79 12.85
CA GLY A 233 20.16 -6.98 12.05
C GLY A 233 18.88 -7.72 11.69
N LYS A 234 17.73 -7.19 12.12
CA LYS A 234 16.45 -7.89 11.99
C LYS A 234 15.50 -7.10 11.17
N SER A 235 14.70 -7.79 10.36
CA SER A 235 13.62 -7.12 9.64
C SER A 235 12.59 -6.56 10.62
N ILE A 236 12.27 -5.27 10.49
CA ILE A 236 11.15 -4.71 11.24
C ILE A 236 9.95 -4.28 10.40
N ASP A 237 10.15 -4.20 9.07
CA ASP A 237 9.06 -3.89 8.13
C ASP A 237 9.58 -4.21 6.76
N THR A 238 8.70 -4.60 5.85
CA THR A 238 9.11 -4.83 4.46
C THR A 238 7.90 -4.56 3.56
N SER A 239 8.16 -4.34 2.27
CA SER A 239 7.15 -3.77 1.38
C SER A 239 6.17 -4.82 0.86
N MET A 240 6.57 -6.08 0.85
CA MET A 240 5.68 -7.13 0.36
C MET A 240 4.76 -7.60 1.46
N GLY A 241 3.63 -8.21 1.10
CA GLY A 241 2.61 -8.46 2.09
C GLY A 241 2.29 -9.92 2.23
N LEU A 242 1.02 -10.26 2.08
CA LEU A 242 0.60 -11.64 2.12
C LEU A 242 1.35 -12.44 1.05
N THR A 243 1.58 -11.82 -0.10
CA THR A 243 2.34 -12.46 -1.20
C THR A 243 3.32 -11.45 -1.78
N PRO A 244 4.24 -11.91 -2.66
CA PRO A 244 5.18 -10.96 -3.25
C PRO A 244 4.55 -9.90 -4.15
N LEU A 245 3.24 -9.97 -4.36
CA LEU A 245 2.59 -9.03 -5.27
C LEU A 245 2.58 -7.61 -4.69
N GLU A 246 2.34 -7.52 -3.38
CA GLU A 246 2.13 -6.25 -2.70
C GLU A 246 3.41 -5.41 -2.69
N GLY A 247 3.25 -4.09 -2.75
CA GLY A 247 4.39 -3.21 -2.61
C GLY A 247 4.82 -2.63 -3.93
N LEU A 248 6.09 -2.81 -4.28
CA LEU A 248 6.61 -2.29 -5.54
C LEU A 248 6.11 -3.07 -6.75
N LEU A 249 5.92 -2.38 -7.86
CA LEU A 249 5.60 -3.05 -9.11
C LEU A 249 6.84 -3.82 -9.48
N GLY A 250 6.70 -4.73 -10.44
CA GLY A 250 7.80 -5.57 -10.85
C GLY A 250 7.74 -5.78 -12.36
N GLY A 251 8.61 -6.64 -12.87
CA GLY A 251 8.61 -6.96 -14.29
C GLY A 251 7.21 -7.19 -14.83
N THR A 252 6.43 -8.02 -14.15
CA THR A 252 5.08 -8.34 -14.61
C THR A 252 4.02 -8.24 -13.52
N ARG A 253 4.40 -7.65 -12.39
CA ARG A 253 3.45 -7.58 -11.32
C ARG A 253 3.09 -6.15 -11.00
N SER A 254 1.84 -5.96 -10.57
CA SER A 254 1.29 -4.60 -10.42
C SER A 254 1.85 -3.86 -9.22
N GLY A 255 2.21 -4.60 -8.17
CA GLY A 255 2.52 -3.96 -6.90
C GLY A 255 1.21 -3.52 -6.28
N THR A 256 1.28 -2.64 -5.27
CA THR A 256 0.10 -2.27 -4.49
C THR A 256 -0.87 -1.44 -5.32
N ILE A 257 -2.14 -1.82 -5.31
CA ILE A 257 -3.19 -1.06 -5.99
C ILE A 257 -4.42 -1.27 -5.12
N ASP A 258 -5.47 -0.50 -5.36
CA ASP A 258 -6.72 -0.67 -4.61
C ASP A 258 -7.17 -2.13 -4.74
N PRO A 259 -7.51 -2.79 -3.61
CA PRO A 259 -7.91 -4.18 -3.66
C PRO A 259 -9.18 -4.40 -4.48
N THR A 260 -9.92 -3.35 -4.80
CA THR A 260 -11.12 -3.53 -5.63
C THR A 260 -10.88 -3.29 -7.11
N ALA A 261 -9.72 -2.74 -7.48
CA ALA A 261 -9.46 -2.37 -8.86
C ALA A 261 -9.66 -3.55 -9.83
N ILE A 262 -9.22 -4.73 -9.42
CA ILE A 262 -9.18 -5.87 -10.32
C ILE A 262 -10.60 -6.31 -10.67
N PHE A 263 -11.55 -6.02 -9.80
CA PHE A 263 -12.93 -6.40 -10.07
C PHE A 263 -13.51 -5.55 -11.17
N HIS A 264 -13.03 -4.32 -11.29
CA HIS A 264 -13.42 -3.42 -12.37
C HIS A 264 -12.70 -3.81 -13.65
N HIS A 265 -11.45 -4.22 -13.49
CA HIS A 265 -10.55 -4.40 -14.60
C HIS A 265 -10.99 -5.60 -15.44
N THR A 266 -11.46 -6.62 -14.75
CA THR A 266 -11.68 -7.91 -15.35
C THR A 266 -12.92 -8.54 -14.78
N GLU A 267 -13.79 -9.06 -15.65
CA GLU A 267 -15.00 -9.72 -15.17
C GLU A 267 -14.69 -11.12 -14.65
N ASP A 268 -15.47 -11.58 -13.69
CA ASP A 268 -15.29 -12.90 -13.07
C ASP A 268 -13.86 -13.08 -12.57
N ALA A 269 -13.37 -12.07 -11.87
CA ALA A 269 -11.96 -12.03 -11.50
C ALA A 269 -11.58 -13.16 -10.56
N ALA A 270 -12.55 -13.67 -9.81
CA ALA A 270 -12.27 -14.74 -8.85
C ALA A 270 -12.27 -16.12 -9.51
N SER A 271 -12.68 -16.19 -10.78
CA SER A 271 -12.80 -17.48 -11.46
C SER A 271 -11.46 -18.07 -11.83
N ASP A 272 -11.41 -19.39 -11.96
CA ASP A 272 -10.19 -20.10 -12.31
C ASP A 272 -9.65 -19.62 -13.65
N ALA A 273 -8.33 -19.44 -13.71
CA ALA A 273 -7.70 -18.89 -14.90
C ALA A 273 -7.59 -19.93 -16.00
N ASN A 274 -7.61 -21.21 -15.61
CA ASN A 274 -7.44 -22.31 -16.54
C ASN A 274 -6.19 -22.17 -17.41
N VAL A 275 -5.16 -21.62 -16.80
CA VAL A 275 -3.81 -21.62 -17.34
C VAL A 275 -3.03 -22.55 -16.42
N GLY A 276 -1.92 -23.10 -16.91
CA GLY A 276 -1.11 -24.00 -16.11
C GLY A 276 -1.85 -25.17 -15.53
N ASP A 277 -1.21 -25.90 -14.61
CA ASP A 277 -1.86 -27.04 -13.96
C ASP A 277 -2.70 -26.67 -12.73
N PHE A 278 -2.15 -25.87 -11.82
CA PHE A 278 -2.85 -25.53 -10.58
C PHE A 278 -3.94 -24.47 -10.76
N THR A 279 -4.97 -24.59 -9.94
CA THR A 279 -6.02 -23.59 -9.88
C THR A 279 -5.49 -22.26 -9.32
N VAL A 280 -5.82 -21.17 -10.00
CA VAL A 280 -5.40 -19.82 -9.61
C VAL A 280 -6.37 -18.82 -10.24
N SER A 281 -6.78 -17.78 -9.51
CA SER A 281 -7.77 -16.85 -10.06
C SER A 281 -7.21 -16.04 -11.22
N LYS A 282 -8.13 -15.60 -12.09
CA LYS A 282 -7.77 -14.73 -13.19
C LYS A 282 -7.07 -13.50 -12.64
N ALA A 283 -7.63 -12.97 -11.55
CA ALA A 283 -7.06 -11.84 -10.84
C ALA A 283 -5.58 -12.08 -10.49
N GLU A 284 -5.24 -13.22 -9.87
CA GLU A 284 -3.84 -13.42 -9.54
C GLU A 284 -2.94 -13.52 -10.77
N ILE A 285 -3.43 -14.10 -11.86
CA ILE A 285 -2.62 -14.13 -13.09
C ILE A 285 -2.36 -12.74 -13.64
N ILE A 286 -3.44 -11.97 -13.79
CA ILE A 286 -3.29 -10.65 -14.36
C ILE A 286 -2.35 -9.80 -13.52
N LEU A 287 -2.56 -9.80 -12.20
CA LEU A 287 -1.77 -8.94 -11.32
C LEU A 287 -0.31 -9.36 -11.21
N ASN A 288 -0.04 -10.66 -11.31
CA ASN A 288 1.34 -11.17 -11.21
C ASN A 288 2.05 -11.35 -12.55
N LYS A 289 1.30 -11.55 -13.63
CA LYS A 289 1.96 -11.92 -14.88
C LYS A 289 1.72 -10.94 -16.02
N ASN A 290 0.68 -10.11 -15.92
CA ASN A 290 0.34 -9.21 -17.01
C ASN A 290 0.43 -7.73 -16.65
N SER A 291 1.06 -7.39 -15.54
CA SER A 291 1.04 -6.02 -15.06
C SER A 291 2.45 -5.47 -15.01
N GLY A 292 2.71 -4.50 -14.14
CA GLY A 292 4.07 -4.08 -13.90
C GLY A 292 4.74 -3.41 -15.09
N PHE A 293 6.05 -3.56 -15.21
CA PHE A 293 6.83 -2.98 -16.32
C PHE A 293 6.29 -3.43 -17.66
N LYS A 294 5.84 -4.69 -17.73
CA LYS A 294 5.30 -5.24 -18.98
C LYS A 294 4.09 -4.44 -19.47
N ALA A 295 3.16 -4.17 -18.57
CA ALA A 295 1.99 -3.38 -18.91
C ALA A 295 2.31 -1.92 -19.20
N LEU A 296 3.29 -1.36 -18.51
CA LEU A 296 3.56 0.08 -18.68
C LEU A 296 4.52 0.45 -19.80
N ALA A 297 5.47 -0.42 -20.10
CA ALA A 297 6.59 -0.09 -20.99
C ALA A 297 6.73 -1.01 -22.17
N GLY A 298 6.03 -2.14 -22.12
CA GLY A 298 6.15 -3.13 -23.17
C GLY A 298 7.31 -4.10 -22.99
N THR A 299 8.07 -3.95 -21.91
CA THR A 299 9.22 -4.82 -21.65
C THR A 299 9.34 -5.09 -20.16
N THR A 300 9.87 -6.25 -19.80
CA THR A 300 10.14 -6.57 -18.41
C THR A 300 11.56 -6.18 -18.02
N ASN A 301 12.32 -5.71 -19.00
CA ASN A 301 13.74 -5.43 -18.80
C ASN A 301 13.97 -3.97 -18.39
N PHE A 302 14.23 -3.73 -17.10
CA PHE A 302 14.37 -2.35 -16.60
C PHE A 302 15.59 -1.60 -17.19
N GLY A 303 16.63 -2.35 -17.53
CA GLY A 303 17.79 -1.78 -18.21
C GLY A 303 17.41 -1.20 -19.57
N HIS A 304 16.55 -1.91 -20.29
CA HIS A 304 16.02 -1.43 -21.56
C HIS A 304 15.18 -0.16 -21.33
N ILE A 305 14.43 -0.13 -20.23
CA ILE A 305 13.67 1.07 -19.86
C ILE A 305 14.62 2.23 -19.61
N ILE A 306 15.68 1.99 -18.85
CA ILE A 306 16.67 3.04 -18.56
C ILE A 306 17.33 3.59 -19.85
N GLN A 307 17.64 2.71 -20.79
CA GLN A 307 18.16 3.15 -22.09
C GLN A 307 17.21 4.12 -22.75
N ASN A 308 15.93 3.76 -22.77
CA ASN A 308 14.94 4.50 -23.52
C ASN A 308 14.53 5.83 -22.89
N LEU A 309 15.23 6.20 -21.82
CA LEU A 309 15.13 7.55 -21.27
C LEU A 309 15.91 8.51 -22.18
N ASP A 310 16.69 7.92 -23.09
CA ASP A 310 17.36 8.62 -24.18
C ASP A 310 16.46 8.52 -25.41
N PRO A 311 15.86 9.63 -25.85
CA PRO A 311 14.88 9.54 -26.95
C PRO A 311 15.50 9.21 -28.31
N SER A 312 16.81 8.98 -28.35
CA SER A 312 17.48 8.60 -29.60
C SER A 312 17.63 7.09 -29.76
N LYS A 313 17.18 6.34 -28.76
CA LYS A 313 17.30 4.88 -28.78
C LYS A 313 15.97 4.21 -29.01
N CYS A 314 14.94 4.99 -29.31
CA CYS A 314 13.58 4.44 -29.42
C CYS A 314 12.62 5.40 -30.09
N SER A 315 11.43 4.90 -30.44
CA SER A 315 10.35 5.73 -30.95
C SER A 315 9.92 6.73 -29.88
N GLU A 316 9.10 7.69 -30.25
CA GLU A 316 8.64 8.66 -29.27
C GLU A 316 7.72 7.98 -28.26
N GLU A 317 7.00 6.97 -28.73
CA GLU A 317 6.06 6.21 -27.90
C GLU A 317 6.78 5.37 -26.83
N ASP A 318 7.89 4.75 -27.20
CA ASP A 318 8.62 3.94 -26.25
C ASP A 318 9.45 4.82 -25.30
N HIS A 319 9.91 5.96 -25.78
CA HIS A 319 10.59 6.90 -24.92
C HIS A 319 9.64 7.40 -23.84
N GLU A 320 8.41 7.71 -24.23
CA GLU A 320 7.37 8.22 -23.32
C GLU A 320 6.91 7.17 -22.29
N LYS A 321 6.81 5.92 -22.72
CA LYS A 321 6.46 4.81 -21.82
C LYS A 321 7.61 4.52 -20.86
N ALA A 322 8.82 4.66 -21.35
CA ALA A 322 9.98 4.47 -20.51
C ALA A 322 10.05 5.58 -19.48
N LYS A 323 9.80 6.82 -19.90
CA LYS A 323 9.80 7.93 -18.94
C LYS A 323 8.78 7.71 -17.82
N LEU A 324 7.59 7.28 -18.19
CA LEU A 324 6.52 7.08 -17.22
C LEU A 324 6.86 5.90 -16.34
N THR A 325 7.31 4.81 -16.92
CA THR A 325 7.55 3.60 -16.14
C THR A 325 8.65 3.86 -15.15
N TYR A 326 9.68 4.54 -15.62
CA TYR A 326 10.83 4.81 -14.77
C TYR A 326 10.38 5.67 -13.58
N ALA A 327 9.57 6.67 -13.87
CA ALA A 327 9.11 7.64 -12.85
C ALA A 327 8.17 6.99 -11.82
N VAL A 328 7.32 6.08 -12.28
CA VAL A 328 6.43 5.33 -11.40
C VAL A 328 7.27 4.46 -10.46
N PHE A 329 8.22 3.74 -11.02
CA PHE A 329 9.06 2.86 -10.20
C PHE A 329 9.85 3.65 -9.16
N LEU A 330 10.46 4.73 -9.60
CA LEU A 330 11.18 5.60 -8.68
C LEU A 330 10.27 6.19 -7.58
N ASP A 331 9.07 6.64 -7.95
CA ASP A 331 8.13 7.19 -6.98
C ASP A 331 7.75 6.14 -5.93
N ARG A 332 7.35 4.95 -6.37
CA ARG A 332 6.95 3.90 -5.43
C ARG A 332 8.13 3.49 -4.57
N LEU A 333 9.30 3.40 -5.18
CA LEU A 333 10.50 3.07 -4.43
C LEU A 333 10.82 4.15 -3.38
N LEU A 334 10.76 5.42 -3.76
CA LEU A 334 11.01 6.48 -2.78
C LEU A 334 10.03 6.43 -1.62
N ASN A 335 8.80 6.02 -1.89
CA ASN A 335 7.80 5.89 -0.82
C ASN A 335 8.26 4.96 0.27
N PHE A 336 8.75 3.79 -0.09
CA PHE A 336 9.22 2.82 0.91
C PHE A 336 10.55 3.20 1.56
N VAL A 337 11.45 3.74 0.77
CA VAL A 337 12.69 4.20 1.36
C VAL A 337 12.37 5.25 2.41
N ALA A 338 11.46 6.18 2.08
CA ALA A 338 10.98 7.16 3.07
C ALA A 338 10.40 6.50 4.31
N GLN A 339 9.47 5.56 4.16
CA GLN A 339 8.86 4.91 5.33
C GLN A 339 9.92 4.29 6.20
N TYR A 340 10.88 3.63 5.56
CA TYR A 340 11.82 2.82 6.32
C TYR A 340 12.93 3.66 6.95
N LEU A 341 13.42 4.67 6.22
CA LEU A 341 14.34 5.63 6.83
C LEU A 341 13.68 6.33 8.01
N PHE A 342 12.43 6.71 7.82
CA PHE A 342 11.69 7.35 8.88
C PHE A 342 11.59 6.46 10.10
N LYS A 343 11.25 5.20 9.86
CA LYS A 343 11.09 4.25 10.95
C LYS A 343 12.40 4.00 11.70
N LEU A 344 13.52 3.95 10.98
CA LEU A 344 14.82 3.83 11.65
C LEU A 344 15.16 5.11 12.40
N LEU A 345 15.00 6.24 11.71
CA LEU A 345 15.45 7.53 12.24
C LEU A 345 14.65 8.01 13.43
N SER A 346 13.47 7.41 13.64
CA SER A 346 12.60 7.73 14.78
C SER A 346 13.17 7.18 16.08
N GLU A 347 14.15 6.29 15.96
CA GLU A 347 14.74 5.60 17.10
C GLU A 347 16.24 5.85 17.20
N VAL A 348 16.93 5.93 16.06
CA VAL A 348 18.39 6.09 16.05
C VAL A 348 18.85 7.21 15.11
N PRO A 349 19.96 7.88 15.46
CA PRO A 349 20.39 8.99 14.59
C PRO A 349 21.00 8.51 13.27
N ILE A 350 21.01 9.36 12.25
CA ILE A 350 21.50 8.95 10.93
C ILE A 350 22.96 8.45 10.94
N GLU A 351 23.75 9.01 11.86
CA GLU A 351 25.15 8.62 12.07
C GLU A 351 25.27 7.19 12.51
N SER A 352 24.23 6.68 13.16
CA SER A 352 24.27 5.34 13.70
C SER A 352 23.61 4.34 12.76
N ILE A 353 23.17 4.79 11.59
CA ILE A 353 22.67 3.81 10.62
C ILE A 353 23.70 3.52 9.54
N ASP A 354 23.75 2.26 9.16
CA ASP A 354 24.76 1.78 8.24
C ASP A 354 24.43 2.18 6.83
N GLY A 355 23.19 2.57 6.60
CA GLY A 355 22.87 3.31 5.39
C GLY A 355 21.73 2.76 4.55
N LEU A 356 21.86 3.00 3.25
CA LEU A 356 20.88 2.60 2.27
C LEU A 356 21.58 1.62 1.34
N VAL A 357 21.03 0.43 1.20
CA VAL A 357 21.65 -0.58 0.35
C VAL A 357 20.79 -0.89 -0.84
N PHE A 358 21.41 -0.90 -2.03
CA PHE A 358 20.73 -1.36 -3.22
C PHE A 358 21.27 -2.74 -3.59
N SER A 359 20.37 -3.65 -3.95
CA SER A 359 20.79 -4.99 -4.36
C SER A 359 19.79 -5.51 -5.38
N GLY A 360 19.95 -6.74 -5.82
CA GLY A 360 19.07 -7.28 -6.83
C GLY A 360 19.62 -6.96 -8.22
N GLY A 361 19.04 -7.55 -9.26
CA GLY A 361 19.48 -7.33 -10.62
C GLY A 361 19.42 -5.86 -10.97
N ILE A 362 18.31 -5.22 -10.66
CA ILE A 362 18.19 -3.78 -10.98
C ILE A 362 19.03 -2.95 -10.03
N GLY A 363 19.03 -3.33 -8.75
CA GLY A 363 19.82 -2.61 -7.77
C GLY A 363 21.30 -2.55 -8.09
N GLU A 364 21.84 -3.64 -8.63
CA GLU A 364 23.27 -3.69 -8.99
C GLU A 364 23.59 -2.91 -10.27
N LYS A 365 22.73 -3.03 -11.28
CA LYS A 365 23.01 -2.44 -12.59
C LYS A 365 22.44 -1.04 -12.80
N GLY A 366 21.45 -0.65 -11.99
CA GLY A 366 20.74 0.61 -12.24
C GLY A 366 21.35 1.84 -11.59
N ALA A 367 22.53 2.22 -12.04
CA ALA A 367 23.24 3.37 -11.50
C ALA A 367 22.39 4.64 -11.54
N GLU A 368 21.61 4.80 -12.60
CA GLU A 368 20.80 6.00 -12.75
C GLU A 368 19.76 6.03 -11.65
N LEU A 369 19.15 4.87 -11.39
CA LEU A 369 18.09 4.76 -10.40
C LEU A 369 18.66 5.08 -9.03
N ARG A 370 19.82 4.50 -8.72
CA ARG A 370 20.48 4.81 -7.47
C ARG A 370 20.81 6.29 -7.34
N ARG A 371 21.33 6.90 -8.39
CA ARG A 371 21.63 8.31 -8.33
C ARG A 371 20.37 9.14 -8.05
N ASP A 372 19.28 8.84 -8.74
CA ASP A 372 18.05 9.60 -8.55
C ASP A 372 17.48 9.47 -7.13
N VAL A 373 17.54 8.27 -6.57
CA VAL A 373 17.11 8.06 -5.19
C VAL A 373 17.99 8.87 -4.26
N LEU A 374 19.30 8.80 -4.47
CA LEU A 374 20.20 9.46 -3.53
C LEU A 374 20.08 10.99 -3.61
N LYS A 375 19.85 11.52 -4.81
CA LYS A 375 19.58 12.96 -4.96
C LYS A 375 18.36 13.39 -4.15
N LYS A 376 17.37 12.53 -4.09
CA LYS A 376 16.13 12.85 -3.39
C LYS A 376 16.37 12.90 -1.89
N LEU A 377 17.45 12.26 -1.44
CA LEU A 377 17.78 12.24 0.00
C LEU A 377 18.85 13.28 0.36
N ALA A 378 19.04 14.26 -0.52
CA ALA A 378 20.02 15.31 -0.32
C ALA A 378 19.70 16.10 0.94
N TRP A 379 18.41 16.26 1.26
CA TRP A 379 18.02 16.99 2.45
C TRP A 379 18.45 16.31 3.74
N LEU A 380 18.71 15.00 3.66
CA LEU A 380 19.18 14.22 4.82
C LEU A 380 20.70 14.21 4.87
N GLY A 381 21.34 14.71 3.82
CA GLY A 381 22.79 14.74 3.75
C GLY A 381 23.46 13.66 2.91
N ALA A 382 22.66 12.89 2.16
CA ALA A 382 23.25 11.92 1.25
C ALA A 382 23.92 12.66 0.08
N GLU A 383 25.09 12.18 -0.32
CA GLU A 383 25.79 12.75 -1.47
C GLU A 383 26.35 11.58 -2.26
N VAL A 384 25.88 11.43 -3.49
CA VAL A 384 26.33 10.32 -4.35
C VAL A 384 27.78 10.60 -4.71
N ASP A 385 28.55 9.53 -4.90
CA ASP A 385 29.87 9.63 -5.51
C ASP A 385 29.69 9.19 -6.93
N GLU A 386 29.68 10.14 -7.85
CA GLU A 386 29.36 9.85 -9.24
C GLU A 386 30.24 8.77 -9.88
N GLU A 387 31.55 8.78 -9.62
CA GLU A 387 32.46 7.77 -10.20
C GLU A 387 32.19 6.39 -9.62
N ALA A 388 32.27 6.30 -8.30
CA ALA A 388 31.97 5.06 -7.58
C ALA A 388 30.62 4.51 -8.00
N ASN A 389 29.60 5.35 -8.05
CA ASN A 389 28.28 4.89 -8.49
C ASN A 389 28.25 4.42 -9.93
N ASN A 390 29.03 5.06 -10.80
CA ASN A 390 28.97 4.77 -12.22
C ASN A 390 29.99 3.74 -12.73
N SER A 391 31.08 3.57 -12.00
CA SER A 391 32.18 2.71 -12.46
C SER A 391 31.95 1.22 -12.17
N ASN A 392 32.73 0.38 -12.85
CA ASN A 392 32.71 -1.06 -12.61
C ASN A 392 33.78 -1.50 -11.62
N SER A 393 34.24 -0.58 -10.76
CA SER A 393 35.19 -0.96 -9.71
C SER A 393 34.48 -1.86 -8.69
N GLY A 394 34.98 -3.09 -8.56
CA GLY A 394 34.22 -4.16 -7.94
C GLY A 394 34.06 -4.19 -6.43
N GLY A 395 33.95 -5.40 -5.90
CA GLY A 395 33.62 -5.60 -4.50
C GLY A 395 32.17 -6.03 -4.36
N ALA A 396 31.94 -7.11 -3.61
CA ALA A 396 30.57 -7.55 -3.32
C ALA A 396 29.82 -6.52 -2.47
N VAL A 397 30.58 -5.66 -1.80
CA VAL A 397 30.02 -4.56 -1.02
C VAL A 397 30.74 -3.27 -1.43
N LYS A 398 29.98 -2.37 -2.06
CA LYS A 398 30.58 -1.21 -2.70
C LYS A 398 29.95 0.06 -2.18
N CYS A 399 30.75 0.98 -1.66
CA CYS A 399 30.22 2.30 -1.30
C CYS A 399 29.98 3.17 -2.55
N ILE A 400 28.83 3.86 -2.59
CA ILE A 400 28.52 4.74 -3.73
C ILE A 400 28.21 6.17 -3.30
N THR A 401 28.54 6.50 -2.06
CA THR A 401 28.36 7.86 -1.58
C THR A 401 29.73 8.46 -1.27
N LYS A 402 29.80 9.78 -1.26
CA LYS A 402 31.02 10.51 -0.89
C LYS A 402 31.38 10.30 0.58
N GLU A 403 32.68 10.44 0.88
CA GLU A 403 33.18 10.22 2.24
C GLU A 403 32.46 11.02 3.31
N GLY A 404 32.08 12.25 2.98
CA GLY A 404 31.37 13.07 3.95
C GLY A 404 29.86 12.97 3.95
N SER A 405 29.32 11.95 3.29
CA SER A 405 27.87 11.81 3.18
C SER A 405 27.31 11.44 4.55
N LYS A 406 26.25 12.11 4.99
CA LYS A 406 25.69 11.77 6.28
C LYS A 406 24.85 10.48 6.22
N LEU A 407 24.46 10.09 5.02
CA LEU A 407 23.83 8.79 4.79
C LEU A 407 24.72 7.97 3.87
N LYS A 408 25.20 6.81 4.33
CA LYS A 408 26.01 5.92 3.49
C LYS A 408 25.15 5.14 2.50
N GLY A 409 25.66 4.98 1.28
CA GLY A 409 24.90 4.27 0.25
C GLY A 409 25.77 3.13 -0.25
N TRP A 410 25.17 1.98 -0.54
CA TRP A 410 25.93 0.82 -0.93
C TRP A 410 25.25 0.07 -2.04
N VAL A 411 26.04 -0.67 -2.81
CA VAL A 411 25.51 -1.71 -3.67
C VAL A 411 26.04 -3.00 -3.11
N VAL A 412 25.16 -3.97 -2.85
CA VAL A 412 25.60 -5.24 -2.29
C VAL A 412 25.11 -6.41 -3.15
N GLU A 413 26.03 -7.28 -3.54
CA GLU A 413 25.69 -8.46 -4.32
C GLU A 413 25.12 -9.51 -3.40
N THR A 414 23.93 -10.02 -3.73
CA THR A 414 23.35 -11.10 -2.94
C THR A 414 23.91 -12.43 -3.39
N ASP A 415 23.95 -13.36 -2.45
CA ASP A 415 24.30 -14.73 -2.76
C ASP A 415 23.30 -15.61 -2.01
N GLU A 416 22.12 -15.78 -2.61
CA GLU A 416 21.05 -16.55 -1.98
C GLU A 416 21.43 -18.02 -1.83
N GLU A 417 22.01 -18.61 -2.86
CA GLU A 417 22.33 -20.05 -2.80
C GLU A 417 23.42 -20.29 -1.77
N GLY A 418 24.39 -19.37 -1.73
CA GLY A 418 25.43 -19.42 -0.71
C GLY A 418 24.84 -19.29 0.68
N TRP A 419 23.87 -18.39 0.84
CA TRP A 419 23.20 -18.26 2.12
C TRP A 419 22.47 -19.54 2.50
N MET A 420 21.82 -20.17 1.52
CA MET A 420 21.12 -21.41 1.85
C MET A 420 22.09 -22.48 2.35
N ALA A 421 23.27 -22.57 1.74
CA ALA A 421 24.29 -23.50 2.23
C ALA A 421 24.73 -23.17 3.67
N ARG A 422 24.81 -21.89 3.99
CA ARG A 422 25.17 -21.48 5.34
C ARG A 422 24.09 -21.86 6.35
N MET A 423 22.83 -21.73 5.95
CA MET A 423 21.73 -22.17 6.79
C MET A 423 21.72 -23.68 6.98
N ALA A 424 22.05 -24.42 5.93
CA ALA A 424 22.10 -25.88 5.99
C ALA A 424 23.23 -26.36 6.88
N LYS A 425 24.34 -25.62 6.88
CA LYS A 425 25.47 -25.94 7.74
C LYS A 425 25.04 -25.91 9.19
N GLU A 426 24.33 -24.86 9.56
CA GLU A 426 23.78 -24.79 10.89
C GLU A 426 22.73 -25.88 11.09
N GLU A 427 21.79 -25.99 10.16
CA GLU A 427 20.68 -26.95 10.28
C GLU A 427 21.12 -28.37 10.54
N PHE A 428 22.17 -28.79 9.86
CA PHE A 428 22.61 -30.19 9.97
C PHE A 428 23.73 -30.42 10.97
N GLY A 429 23.91 -29.48 11.88
CA GLY A 429 24.75 -29.67 13.05
C GLY A 429 26.24 -29.41 12.88
N PHE A 430 26.65 -28.87 11.74
CA PHE A 430 28.07 -28.66 11.49
C PHE A 430 28.69 -27.49 12.27
N LEU A 431 27.91 -26.87 13.15
CA LEU A 431 28.42 -25.83 14.03
C LEU A 431 28.42 -26.24 15.51
N GLU A 432 28.14 -27.52 15.77
CA GLU A 432 28.10 -28.01 17.16
C GLU A 432 29.49 -28.34 17.72
N HIS A 433 29.81 -27.73 18.87
CA HIS A 433 31.10 -27.92 19.54
C HIS A 433 30.86 -28.23 21.03
N HIS A 434 30.07 -29.27 21.30
CA HIS A 434 29.70 -29.61 22.67
C HIS A 434 30.91 -30.06 23.50
N HIS A 435 30.67 -30.40 24.76
CA HIS A 435 31.69 -30.97 25.63
C HIS A 435 31.34 -32.44 25.89
N ALA B 5 -36.42 36.25 -1.54
CA ALA B 5 -35.37 35.57 -0.79
C ALA B 5 -34.95 34.26 -1.46
N GLU B 6 -33.65 34.00 -1.47
CA GLU B 6 -33.17 32.76 -2.05
C GLU B 6 -32.11 32.12 -1.17
N TYR B 7 -32.16 30.79 -1.14
CA TYR B 7 -31.26 30.02 -0.30
C TYR B 7 -30.49 28.97 -1.06
N LEU B 8 -29.34 28.62 -0.51
CA LEU B 8 -28.56 27.50 -1.00
C LEU B 8 -28.43 26.53 0.16
N LEU B 9 -28.72 25.27 -0.10
CA LEU B 9 -28.52 24.25 0.90
C LEU B 9 -27.28 23.42 0.54
N ALA B 10 -26.37 23.24 1.49
CA ALA B 10 -25.20 22.42 1.22
C ALA B 10 -25.31 21.18 2.09
N ILE B 11 -25.30 19.99 1.48
CA ILE B 11 -25.61 18.76 2.19
C ILE B 11 -24.42 17.80 2.03
N ASN B 12 -23.99 17.19 3.12
CA ASN B 12 -22.84 16.32 3.11
C ASN B 12 -23.23 14.99 3.73
N CYS B 13 -23.58 14.02 2.88
CA CYS B 13 -24.06 12.72 3.35
C CYS B 13 -22.90 11.75 3.56
N GLY B 14 -22.63 11.42 4.83
CA GLY B 14 -21.60 10.43 5.14
C GLY B 14 -22.25 9.15 5.64
N SER B 15 -21.45 8.13 5.92
CA SER B 15 -22.02 6.87 6.38
C SER B 15 -22.29 6.94 7.88
N SER B 16 -21.61 7.86 8.56
CA SER B 16 -21.73 8.04 9.99
C SER B 16 -22.64 9.21 10.35
N SER B 17 -22.63 10.25 9.52
CA SER B 17 -23.41 11.44 9.83
C SER B 17 -23.80 12.16 8.56
N ILE B 18 -24.87 12.95 8.62
CA ILE B 18 -25.15 13.89 7.54
C ILE B 18 -24.99 15.27 8.14
N LYS B 19 -24.28 16.15 7.44
CA LYS B 19 -24.13 17.54 7.85
C LYS B 19 -24.63 18.44 6.75
N GLY B 20 -25.25 19.56 7.13
CA GLY B 20 -25.74 20.51 6.16
C GLY B 20 -25.71 21.93 6.70
N LYS B 21 -25.75 22.89 5.79
CA LYS B 21 -25.82 24.29 6.15
C LYS B 21 -26.77 24.92 5.15
N LEU B 22 -27.63 25.82 5.63
CA LEU B 22 -28.48 26.59 4.74
C LEU B 22 -27.95 28.00 4.71
N PHE B 23 -27.81 28.58 3.53
CA PHE B 23 -27.23 29.93 3.43
C PHE B 23 -28.21 30.80 2.67
N ALA B 24 -28.30 32.07 3.06
CA ALA B 24 -28.96 33.06 2.20
C ALA B 24 -27.97 33.41 1.10
N ILE B 25 -28.46 33.58 -0.12
CA ILE B 25 -27.60 34.04 -1.21
C ILE B 25 -28.16 35.34 -1.82
N PRO B 26 -27.27 36.22 -2.32
CA PRO B 26 -25.82 36.04 -2.46
C PRO B 26 -25.01 36.40 -1.23
N SER B 27 -25.64 36.76 -0.12
CA SER B 27 -24.88 37.19 1.06
C SER B 27 -24.06 36.06 1.73
N PHE B 28 -24.52 34.82 1.56
CA PHE B 28 -23.95 33.67 2.28
C PHE B 28 -24.02 33.81 3.80
N GLU B 29 -25.04 34.51 4.26
CA GLU B 29 -25.33 34.51 5.67
C GLU B 29 -25.82 33.13 6.02
N LEU B 30 -25.21 32.55 7.05
CA LEU B 30 -25.61 31.23 7.55
C LEU B 30 -26.95 31.35 8.25
N LEU B 31 -27.89 30.45 7.94
CA LEU B 31 -29.20 30.49 8.59
C LEU B 31 -29.44 29.30 9.46
N ALA B 32 -28.91 28.14 9.06
CA ALA B 32 -29.17 26.92 9.80
C ALA B 32 -28.04 25.92 9.65
N ASN B 33 -27.79 25.18 10.72
CA ASN B 33 -26.96 23.99 10.65
C ASN B 33 -27.87 22.79 10.77
N LEU B 34 -27.57 21.75 10.01
CA LEU B 34 -28.29 20.50 10.09
C LEU B 34 -27.30 19.40 10.42
N ALA B 35 -27.68 18.51 11.32
CA ALA B 35 -26.82 17.39 11.68
C ALA B 35 -27.65 16.16 11.94
N VAL B 36 -27.31 15.07 11.24
CA VAL B 36 -27.84 13.74 11.55
C VAL B 36 -26.66 12.92 12.04
N THR B 37 -26.75 12.44 13.27
CA THR B 37 -25.63 11.73 13.90
C THR B 37 -25.99 10.30 14.27
N ASN B 38 -24.96 9.49 14.57
CA ASN B 38 -25.13 8.10 15.02
C ASN B 38 -25.61 7.15 13.94
N ILE B 39 -25.45 7.52 12.67
CA ILE B 39 -25.98 6.70 11.58
C ILE B 39 -25.44 5.25 11.52
N SER B 40 -24.23 5.04 12.00
CA SER B 40 -23.72 3.65 11.95
C SER B 40 -23.79 2.96 13.31
N SER B 41 -24.22 3.70 14.33
CA SER B 41 -24.21 3.21 15.71
C SER B 41 -25.21 2.08 16.02
N SER B 42 -24.83 1.17 16.90
CA SER B 42 -25.74 0.09 17.27
C SER B 42 -26.48 0.33 18.58
N ASP B 43 -25.94 1.18 19.46
CA ASP B 43 -26.57 1.41 20.77
C ASP B 43 -27.03 2.85 21.01
N GLU B 44 -26.77 3.75 20.07
CA GLU B 44 -27.30 5.11 20.15
C GLU B 44 -28.26 5.30 18.99
N ARG B 45 -29.40 5.90 19.24
CA ARG B 45 -30.35 6.14 18.15
C ARG B 45 -29.88 7.31 17.29
N VAL B 46 -30.22 7.26 16.00
CA VAL B 46 -29.93 8.36 15.09
C VAL B 46 -30.60 9.62 15.63
N LYS B 47 -29.85 10.71 15.69
CA LYS B 47 -30.36 11.97 16.21
C LYS B 47 -30.38 12.95 15.04
N ILE B 48 -31.49 13.64 14.89
CA ILE B 48 -31.65 14.63 13.83
C ILE B 48 -31.84 15.99 14.47
N LYS B 49 -30.89 16.89 14.23
CA LYS B 49 -30.86 18.18 14.89
C LYS B 49 -30.80 19.32 13.87
N THR B 50 -31.73 20.27 13.97
CA THR B 50 -31.65 21.49 13.17
C THR B 50 -31.45 22.65 14.10
N THR B 51 -30.39 23.42 13.87
CA THR B 51 -30.07 24.55 14.72
C THR B 51 -30.05 25.84 13.91
N TRP B 52 -30.90 26.78 14.28
CA TRP B 52 -31.02 28.02 13.54
C TRP B 52 -30.15 29.11 14.14
N GLU B 53 -29.61 29.95 13.27
CA GLU B 53 -29.00 31.19 13.72
C GLU B 53 -30.09 32.07 14.31
N GLU B 54 -29.71 32.94 15.24
CA GLU B 54 -30.67 33.79 15.94
C GLU B 54 -31.65 34.51 15.02
N GLY B 55 -32.94 34.27 15.23
CA GLY B 55 -33.98 34.99 14.49
C GLY B 55 -34.65 34.19 13.39
N LYS B 56 -34.07 33.06 13.01
CA LYS B 56 -34.49 32.38 11.79
C LYS B 56 -35.41 31.19 12.03
N GLY B 57 -35.48 30.73 13.27
CA GLY B 57 -36.33 29.60 13.58
C GLY B 57 -36.03 28.95 14.91
N LYS B 58 -36.86 27.98 15.24
CA LYS B 58 -36.81 27.32 16.52
C LYS B 58 -35.98 26.04 16.36
N ASP B 59 -34.88 25.96 17.10
CA ASP B 59 -34.07 24.75 17.13
C ASP B 59 -34.95 23.53 17.34
N SER B 60 -34.66 22.46 16.60
CA SER B 60 -35.50 21.28 16.68
C SER B 60 -34.59 20.06 16.70
N GLU B 61 -34.94 19.09 17.54
CA GLU B 61 -34.15 17.89 17.70
C GLU B 61 -35.12 16.73 17.80
N GLU B 62 -34.73 15.59 17.24
CA GLU B 62 -35.66 14.50 17.07
C GLU B 62 -34.83 13.24 17.08
N GLU B 63 -35.43 12.13 17.48
CA GLU B 63 -34.71 10.86 17.50
C GLU B 63 -35.40 9.93 16.53
N ALA B 64 -34.63 9.06 15.89
CA ALA B 64 -35.15 8.08 14.95
C ALA B 64 -34.66 6.71 15.41
N ASP B 65 -34.72 5.71 14.54
CA ASP B 65 -34.29 4.36 14.92
C ASP B 65 -32.77 4.26 15.08
N TYR B 66 -32.30 3.08 15.49
CA TYR B 66 -30.87 2.87 15.58
C TYR B 66 -30.22 2.98 14.20
N GLY B 67 -28.99 3.47 14.19
CA GLY B 67 -28.27 3.68 12.94
C GLY B 67 -28.14 2.44 12.07
N ASP B 68 -27.91 1.30 12.72
CA ASP B 68 -27.77 0.05 11.99
C ASP B 68 -29.13 -0.51 11.55
N LYS B 69 -30.19 0.22 11.84
CA LYS B 69 -31.55 -0.24 11.57
C LYS B 69 -32.31 0.76 10.73
N ILE B 70 -31.70 1.91 10.49
CA ILE B 70 -32.42 3.01 9.83
C ILE B 70 -32.35 2.93 8.31
N ARG B 71 -33.39 3.43 7.65
CA ARG B 71 -33.40 3.55 6.21
C ARG B 71 -32.74 4.88 5.85
N TYR B 72 -31.49 4.84 5.44
CA TYR B 72 -30.68 6.04 5.19
C TYR B 72 -31.41 7.06 4.32
N ALA B 73 -32.06 6.59 3.28
CA ALA B 73 -32.69 7.47 2.31
C ALA B 73 -33.86 8.26 2.89
N SER B 74 -34.27 7.94 4.11
CA SER B 74 -35.35 8.67 4.75
C SER B 74 -34.84 9.97 5.40
N LEU B 75 -33.54 10.05 5.63
CA LEU B 75 -32.95 11.15 6.39
C LEU B 75 -33.01 12.54 5.71
N VAL B 76 -32.50 12.64 4.49
CA VAL B 76 -32.53 13.93 3.79
C VAL B 76 -33.96 14.54 3.69
N PRO B 77 -34.97 13.72 3.31
CA PRO B 77 -36.34 14.28 3.33
C PRO B 77 -36.76 14.86 4.70
N ILE B 78 -36.44 14.19 5.80
CA ILE B 78 -36.71 14.76 7.12
C ILE B 78 -35.99 16.09 7.36
N LEU B 79 -34.77 16.20 6.85
CA LEU B 79 -34.01 17.44 6.98
C LEU B 79 -34.72 18.57 6.24
N LEU B 80 -35.14 18.29 5.01
CA LEU B 80 -35.83 19.28 4.19
C LEU B 80 -37.10 19.75 4.89
N ASP B 81 -37.78 18.78 5.49
CA ASP B 81 -38.96 19.05 6.32
C ASP B 81 -38.63 19.99 7.48
N HIS B 82 -37.57 19.73 8.22
CA HIS B 82 -37.20 20.64 9.30
C HIS B 82 -36.92 22.08 8.82
N LEU B 83 -36.26 22.19 7.67
CA LEU B 83 -35.96 23.50 7.09
C LEU B 83 -37.20 24.29 6.75
N THR B 84 -38.16 23.66 6.07
CA THR B 84 -39.33 24.39 5.61
C THR B 84 -40.36 24.61 6.73
N ASN B 85 -40.08 24.10 7.92
CA ASN B 85 -40.92 24.35 9.09
C ASN B 85 -40.69 25.72 9.73
N SER B 86 -39.54 26.33 9.40
CA SER B 86 -39.32 27.72 9.79
C SER B 86 -40.33 28.62 9.09
N THR B 87 -40.75 29.65 9.79
CA THR B 87 -41.63 30.66 9.22
C THR B 87 -40.83 31.57 8.30
N HIS B 88 -39.52 31.32 8.23
CA HIS B 88 -38.64 32.14 7.42
C HIS B 88 -38.12 31.43 6.16
N VAL B 89 -38.47 30.15 5.98
CA VAL B 89 -38.07 29.42 4.78
C VAL B 89 -39.19 28.60 4.12
N LYS B 90 -39.42 28.87 2.84
CA LYS B 90 -40.34 28.06 2.03
C LYS B 90 -39.54 27.27 0.98
N LYS B 91 -40.04 26.09 0.61
CA LYS B 91 -39.37 25.22 -0.36
C LYS B 91 -38.99 25.96 -1.63
N GLU B 92 -39.91 26.81 -2.09
CA GLU B 92 -39.73 27.57 -3.32
C GLU B 92 -38.53 28.50 -3.26
N GLU B 93 -38.13 28.87 -2.03
CA GLU B 93 -36.96 29.73 -1.81
C GLU B 93 -35.62 28.98 -1.88
N ILE B 94 -35.63 27.67 -1.62
CA ILE B 94 -34.40 26.88 -1.74
C ILE B 94 -34.10 26.59 -3.21
N LYS B 95 -33.35 27.50 -3.83
CA LYS B 95 -33.10 27.44 -5.28
C LYS B 95 -31.93 26.54 -5.67
N TYR B 96 -31.00 26.33 -4.75
CA TYR B 96 -29.81 25.54 -5.07
C TYR B 96 -29.49 24.56 -3.97
N VAL B 97 -29.04 23.37 -4.33
CA VAL B 97 -28.61 22.41 -3.33
C VAL B 97 -27.25 21.88 -3.76
N CYS B 98 -26.26 21.99 -2.88
CA CYS B 98 -24.92 21.50 -3.15
C CYS B 98 -24.77 20.16 -2.46
N HIS B 99 -24.17 19.19 -3.14
CA HIS B 99 -24.02 17.84 -2.57
C HIS B 99 -22.58 17.39 -2.61
N ARG B 100 -22.07 16.87 -1.49
CA ARG B 100 -20.79 16.18 -1.51
C ARG B 100 -20.96 14.80 -2.08
N VAL B 101 -20.26 14.55 -3.17
CA VAL B 101 -20.27 13.24 -3.80
C VAL B 101 -18.83 12.76 -3.74
N VAL B 102 -18.59 11.56 -3.23
CA VAL B 102 -17.22 11.12 -3.02
C VAL B 102 -16.42 10.99 -4.32
N HIS B 103 -16.92 10.19 -5.25
CA HIS B 103 -16.10 9.87 -6.41
C HIS B 103 -16.58 10.61 -7.66
N GLY B 104 -15.79 11.58 -8.11
CA GLY B 104 -16.14 12.30 -9.32
C GLY B 104 -15.33 11.88 -10.53
N GLY B 105 -14.60 10.78 -10.42
CA GLY B 105 -13.73 10.37 -11.51
C GLY B 105 -12.87 11.50 -12.08
N MET B 106 -12.95 11.69 -13.39
CA MET B 106 -12.10 12.65 -14.07
C MET B 106 -12.65 14.09 -14.07
N HIS B 107 -13.78 14.32 -13.43
CA HIS B 107 -14.38 15.67 -13.48
C HIS B 107 -13.48 16.72 -12.86
N ASP B 108 -13.38 17.88 -13.52
CA ASP B 108 -12.57 18.99 -13.02
C ASP B 108 -13.42 19.95 -12.20
N LYS B 109 -14.73 19.81 -12.34
CA LYS B 109 -15.65 20.68 -11.59
C LYS B 109 -16.96 19.95 -11.34
N GLY B 110 -17.85 20.58 -10.58
CA GLY B 110 -19.09 19.93 -10.25
C GLY B 110 -20.03 19.78 -11.43
N ILE B 111 -21.07 18.99 -11.23
CA ILE B 111 -22.04 18.70 -12.28
C ILE B 111 -23.40 19.22 -11.83
N ARG B 112 -24.08 20.01 -12.68
CA ARG B 112 -25.44 20.47 -12.38
C ARG B 112 -26.47 19.40 -12.68
N VAL B 113 -27.44 19.27 -11.79
CA VAL B 113 -28.46 18.26 -11.95
C VAL B 113 -29.79 18.96 -11.82
N VAL B 114 -30.61 18.88 -12.87
CA VAL B 114 -31.92 19.51 -12.84
C VAL B 114 -32.97 18.50 -13.26
N LYS B 115 -34.13 18.52 -12.60
CA LYS B 115 -35.25 17.64 -12.97
C LYS B 115 -35.57 17.84 -14.46
N GLY B 116 -35.67 16.75 -15.20
CA GLY B 116 -36.03 16.81 -16.61
C GLY B 116 -34.86 17.05 -17.54
N HIS B 117 -33.65 17.00 -17.01
CA HIS B 117 -32.46 17.21 -17.82
C HIS B 117 -31.61 15.94 -17.82
N GLU B 118 -31.51 15.33 -18.99
CA GLU B 118 -30.87 14.05 -19.13
C GLU B 118 -29.36 14.14 -18.90
N GLU B 119 -28.75 15.25 -19.32
CA GLU B 119 -27.31 15.40 -19.23
C GLU B 119 -26.77 15.14 -17.82
N GLY B 120 -27.26 15.90 -16.84
CA GLY B 120 -26.79 15.77 -15.47
C GLY B 120 -27.12 14.42 -14.84
N LEU B 121 -28.40 14.04 -14.92
CA LEU B 121 -28.86 12.77 -14.38
C LEU B 121 -28.04 11.59 -14.90
N MET B 122 -27.76 11.58 -16.20
CA MET B 122 -27.01 10.47 -16.80
C MET B 122 -25.61 10.36 -16.20
N GLU B 123 -24.93 11.49 -16.13
CA GLU B 123 -23.56 11.51 -15.60
C GLU B 123 -23.53 11.09 -14.13
N MET B 124 -24.51 11.55 -13.38
CA MET B 124 -24.57 11.20 -11.97
C MET B 124 -24.74 9.69 -11.85
N ASP B 125 -25.56 9.12 -12.73
CA ASP B 125 -25.78 7.67 -12.70
C ASP B 125 -24.51 6.89 -13.05
N LYS B 126 -23.73 7.39 -14.00
CA LYS B 126 -22.46 6.74 -14.34
C LYS B 126 -21.51 6.71 -13.14
N LEU B 127 -21.41 7.82 -12.42
CA LEU B 127 -20.59 7.87 -11.21
C LEU B 127 -21.14 6.99 -10.09
N SER B 128 -22.46 6.98 -9.91
CA SER B 128 -23.03 6.14 -8.86
C SER B 128 -22.82 4.66 -9.19
N GLU B 129 -22.97 4.28 -10.45
CA GLU B 129 -22.73 2.87 -10.75
C GLU B 129 -21.25 2.48 -10.80
N PHE B 130 -20.34 3.45 -10.98
CA PHE B 130 -18.92 3.10 -10.87
C PHE B 130 -18.51 2.83 -9.43
N ALA B 131 -18.96 3.64 -8.49
CA ALA B 131 -18.58 3.45 -7.08
C ALA B 131 -19.79 3.57 -6.15
N PRO B 132 -20.72 2.62 -6.27
CA PRO B 132 -21.97 2.73 -5.51
C PRO B 132 -21.79 2.74 -4.00
N LEU B 133 -20.81 2.03 -3.45
CA LEU B 133 -20.61 2.03 -2.00
C LEU B 133 -20.26 3.42 -1.48
N HIS B 134 -19.65 4.23 -2.33
CA HIS B 134 -19.21 5.55 -1.92
C HIS B 134 -20.12 6.66 -2.39
N ASN B 135 -20.87 6.41 -3.45
CA ASN B 135 -21.68 7.47 -4.08
C ASN B 135 -23.18 7.30 -3.94
N HIS B 136 -23.64 6.07 -3.73
CA HIS B 136 -25.08 5.80 -3.85
C HIS B 136 -25.90 6.60 -2.86
N ARG B 137 -25.41 6.74 -1.64
CA ARG B 137 -26.12 7.49 -0.59
C ARG B 137 -26.31 8.96 -0.98
N ALA B 138 -25.28 9.57 -1.55
CA ALA B 138 -25.40 10.98 -1.90
C ALA B 138 -26.35 11.12 -3.09
N VAL B 139 -26.32 10.15 -3.99
CA VAL B 139 -27.17 10.22 -5.18
C VAL B 139 -28.64 10.10 -4.82
N LEU B 140 -28.95 9.26 -3.82
CA LEU B 140 -30.32 9.17 -3.33
C LEU B 140 -30.78 10.51 -2.75
N ALA B 141 -29.88 11.17 -2.02
CA ALA B 141 -30.14 12.52 -1.53
C ALA B 141 -30.48 13.46 -2.67
N VAL B 142 -29.79 13.31 -3.81
CA VAL B 142 -30.11 14.19 -4.93
C VAL B 142 -31.51 13.94 -5.45
N LYS B 143 -31.91 12.68 -5.58
CA LYS B 143 -33.25 12.39 -6.09
C LYS B 143 -34.33 12.85 -5.11
N SER B 144 -34.06 12.74 -3.81
CA SER B 144 -34.97 13.28 -2.80
C SER B 144 -35.15 14.79 -2.96
N CYS B 145 -34.07 15.49 -3.29
CA CYS B 145 -34.15 16.93 -3.46
C CYS B 145 -34.92 17.29 -4.73
N ILE B 146 -34.71 16.50 -5.78
CA ILE B 146 -35.45 16.72 -7.03
C ILE B 146 -36.94 16.50 -6.77
N ASP B 147 -37.29 15.46 -6.02
CA ASP B 147 -38.69 15.15 -5.74
C ASP B 147 -39.37 16.20 -4.89
N ALA B 148 -38.64 16.68 -3.89
CA ALA B 148 -39.20 17.67 -2.97
C ALA B 148 -39.09 19.11 -3.50
N LEU B 149 -38.06 19.39 -4.29
CA LEU B 149 -37.82 20.75 -4.79
C LEU B 149 -37.69 20.77 -6.30
N PRO B 150 -38.81 20.56 -7.01
CA PRO B 150 -38.78 20.36 -8.47
C PRO B 150 -38.14 21.50 -9.26
N HIS B 151 -38.02 22.69 -8.67
CA HIS B 151 -37.41 23.80 -9.40
C HIS B 151 -35.97 24.17 -9.01
N HIS B 152 -35.42 23.47 -8.03
CA HIS B 152 -34.04 23.74 -7.62
C HIS B 152 -33.04 23.16 -8.63
N THR B 153 -31.81 23.64 -8.55
CA THR B 153 -30.69 23.04 -9.26
C THR B 153 -29.80 22.39 -8.22
N SER B 154 -29.46 21.12 -8.41
CA SER B 154 -28.45 20.48 -7.57
C SER B 154 -27.09 20.64 -8.24
N LEU B 155 -26.05 20.83 -7.43
CA LEU B 155 -24.69 20.82 -7.91
C LEU B 155 -23.96 19.71 -7.17
N LEU B 156 -23.41 18.74 -7.88
CA LEU B 156 -22.62 17.71 -7.21
C LEU B 156 -21.18 18.17 -7.14
N LEU B 157 -20.59 18.18 -5.95
CA LEU B 157 -19.20 18.59 -5.83
C LEU B 157 -18.37 17.40 -5.31
N PHE B 158 -17.28 17.09 -5.99
CA PHE B 158 -16.60 15.83 -5.76
C PHE B 158 -15.39 15.94 -4.87
N ASP B 159 -15.19 14.91 -4.02
CA ASP B 159 -13.99 14.78 -3.18
C ASP B 159 -12.72 14.59 -4.01
N THR B 160 -12.87 14.33 -5.30
CA THR B 160 -11.75 13.98 -6.14
C THR B 160 -11.22 15.20 -6.84
N ILE B 161 -12.01 16.27 -6.87
CA ILE B 161 -11.59 17.46 -7.61
C ILE B 161 -10.23 18.00 -7.13
N PHE B 162 -10.01 18.04 -5.82
CA PHE B 162 -8.80 18.66 -5.28
C PHE B 162 -7.54 17.93 -5.79
N HIS B 163 -7.69 16.64 -6.06
CA HIS B 163 -6.55 15.83 -6.44
C HIS B 163 -6.35 15.73 -7.93
N ARG B 164 -7.06 16.54 -8.71
CA ARG B 164 -6.89 16.48 -10.17
C ARG B 164 -5.49 16.95 -10.63
N THR B 165 -4.74 17.58 -9.75
CA THR B 165 -3.37 18.05 -10.04
C THR B 165 -2.27 16.99 -9.88
N ILE B 166 -2.57 15.87 -9.23
CA ILE B 166 -1.55 14.82 -9.06
C ILE B 166 -0.93 14.36 -10.40
N ALA B 167 0.38 14.16 -10.41
CA ALA B 167 1.12 13.79 -11.62
C ALA B 167 0.96 12.31 -11.99
N PRO B 168 1.08 11.99 -13.29
CA PRO B 168 0.96 10.59 -13.78
C PRO B 168 1.83 9.60 -13.03
N GLU B 169 3.05 10.00 -12.67
CA GLU B 169 3.93 9.03 -12.01
C GLU B 169 3.39 8.64 -10.63
N VAL B 170 2.53 9.48 -10.08
CA VAL B 170 1.93 9.20 -8.79
C VAL B 170 0.64 8.42 -8.92
N TYR B 171 -0.18 8.77 -9.91
CA TYR B 171 -1.52 8.18 -9.92
C TYR B 171 -1.60 6.88 -10.73
N THR B 172 -0.58 6.61 -11.54
CA THR B 172 -0.66 5.48 -12.48
C THR B 172 -0.63 4.13 -11.76
N TYR B 173 -1.58 3.26 -12.11
CA TYR B 173 -1.61 1.88 -11.67
C TYR B 173 -0.94 1.08 -12.78
N ALA B 174 -0.05 0.16 -12.41
CA ALA B 174 0.68 -0.61 -13.43
C ALA B 174 -0.13 -1.83 -13.84
N LEU B 175 -1.28 -1.57 -14.47
CA LEU B 175 -2.16 -2.62 -14.94
C LEU B 175 -2.22 -2.58 -16.46
N PRO B 176 -2.54 -3.72 -17.09
CA PRO B 176 -2.82 -3.71 -18.53
C PRO B 176 -4.19 -3.07 -18.78
N PRO B 177 -4.54 -2.82 -20.06
CA PRO B 177 -5.88 -2.30 -20.39
C PRO B 177 -6.96 -3.20 -19.79
N PRO B 178 -8.07 -2.63 -19.33
CA PRO B 178 -9.11 -3.52 -18.80
C PRO B 178 -9.76 -4.32 -19.90
N ASP B 179 -10.59 -5.30 -19.54
CA ASP B 179 -11.15 -6.23 -20.51
C ASP B 179 -12.29 -5.59 -21.30
N THR B 180 -12.90 -4.55 -20.73
CA THR B 180 -13.91 -3.77 -21.42
C THR B 180 -13.52 -2.30 -21.31
N GLU B 181 -14.15 -1.42 -22.08
CA GLU B 181 -13.93 0.02 -21.90
C GLU B 181 -14.73 0.48 -20.69
N LEU B 182 -14.08 1.12 -19.72
CA LEU B 182 -14.73 1.51 -18.47
C LEU B 182 -15.11 3.00 -18.50
N THR B 183 -15.90 3.41 -17.52
CA THR B 183 -16.33 4.80 -17.37
C THR B 183 -15.15 5.77 -17.20
N MET B 184 -14.09 5.30 -16.55
CA MET B 184 -12.93 6.13 -16.25
C MET B 184 -11.72 5.22 -16.08
N PRO B 185 -10.51 5.77 -16.22
CA PRO B 185 -9.33 4.93 -16.07
C PRO B 185 -9.19 4.37 -14.66
N LEU B 186 -8.49 3.25 -14.55
CA LEU B 186 -8.20 2.67 -13.25
C LEU B 186 -6.87 3.30 -12.84
N ARG B 187 -6.93 4.16 -11.84
CA ARG B 187 -5.79 4.92 -11.39
C ARG B 187 -6.10 5.39 -9.99
N LYS B 188 -5.11 5.98 -9.32
CA LYS B 188 -5.38 6.66 -8.05
C LYS B 188 -6.19 7.93 -8.31
N TYR B 189 -7.25 8.12 -7.53
CA TYR B 189 -8.07 9.33 -7.61
C TYR B 189 -7.84 10.20 -6.37
N GLY B 190 -8.08 9.64 -5.19
CA GLY B 190 -7.86 10.40 -3.96
C GLY B 190 -9.15 11.10 -3.57
N PHE B 191 -9.37 11.29 -2.28
CA PHE B 191 -10.67 11.79 -1.82
C PHE B 191 -10.45 12.76 -0.67
N HIS B 192 -11.52 13.00 0.11
CA HIS B 192 -11.52 14.05 1.13
C HIS B 192 -11.09 15.40 0.57
N GLY B 193 -11.28 15.62 -0.72
CA GLY B 193 -10.77 16.86 -1.34
C GLY B 193 -11.42 18.17 -0.90
N LEU B 194 -12.67 18.09 -0.52
CA LEU B 194 -13.37 19.28 -0.05
C LEU B 194 -12.79 19.65 1.30
N SER B 195 -12.51 18.64 2.13
CA SER B 195 -11.80 18.89 3.39
C SER B 195 -10.41 19.48 3.20
N TYR B 196 -9.59 18.88 2.33
CA TYR B 196 -8.25 19.41 2.11
C TYR B 196 -8.24 20.83 1.56
N ALA B 197 -9.12 21.11 0.62
CA ALA B 197 -9.22 22.47 0.05
C ALA B 197 -9.57 23.46 1.18
N SER B 198 -10.52 23.07 2.02
CA SER B 198 -10.94 23.90 3.16
C SER B 198 -9.78 24.16 4.14
N ILE B 199 -9.03 23.11 4.43
CA ILE B 199 -7.89 23.18 5.35
C ILE B 199 -6.83 24.13 4.81
N VAL B 200 -6.53 23.99 3.53
CA VAL B 200 -5.55 24.87 2.92
C VAL B 200 -5.97 26.33 3.02
N GLN B 201 -7.22 26.62 2.68
CA GLN B 201 -7.73 28.00 2.79
C GLN B 201 -7.68 28.50 4.24
N SER B 202 -8.11 27.68 5.19
CA SER B 202 -8.09 28.09 6.60
C SER B 202 -6.67 28.41 7.07
N LEU B 203 -5.72 27.58 6.69
CA LEU B 203 -4.37 27.74 7.17
C LEU B 203 -3.76 28.97 6.54
N ALA B 204 -3.99 29.14 5.25
CA ALA B 204 -3.57 30.31 4.48
C ALA B 204 -4.05 31.61 5.12
N GLU B 205 -5.33 31.65 5.46
CA GLU B 205 -5.89 32.82 6.12
C GLU B 205 -5.23 33.07 7.47
N HIS B 206 -5.06 32.00 8.24
CA HIS B 206 -4.47 32.12 9.58
C HIS B 206 -3.03 32.62 9.50
N LEU B 207 -2.30 32.15 8.50
CA LEU B 207 -0.90 32.54 8.34
C LEU B 207 -0.77 33.85 7.58
N LYS B 208 -1.91 34.34 7.09
CA LYS B 208 -1.97 35.58 6.34
C LYS B 208 -1.09 35.54 5.10
N LYS B 209 -1.28 34.52 4.27
CA LYS B 209 -0.50 34.37 3.05
C LYS B 209 -1.32 33.59 2.03
N PRO B 210 -0.94 33.66 0.75
CA PRO B 210 -1.85 33.10 -0.26
C PRO B 210 -1.90 31.56 -0.20
N SER B 211 -3.04 30.95 -0.53
CA SER B 211 -3.14 29.48 -0.48
C SER B 211 -2.10 28.82 -1.36
N ASP B 212 -1.70 29.48 -2.43
CA ASP B 212 -0.69 28.88 -3.30
C ASP B 212 0.72 28.91 -2.68
N GLN B 213 0.87 29.45 -1.48
CA GLN B 213 2.17 29.39 -0.80
C GLN B 213 2.18 28.35 0.30
N ILE B 214 1.14 27.53 0.35
CA ILE B 214 1.01 26.55 1.43
C ILE B 214 1.69 25.24 1.09
N ASN B 215 2.59 24.79 1.95
CA ASN B 215 3.25 23.49 1.84
C ASN B 215 3.04 22.75 3.14
N VAL B 216 2.25 21.68 3.10
CA VAL B 216 1.87 20.98 4.35
C VAL B 216 1.61 19.53 4.07
N VAL B 217 1.73 18.73 5.11
CA VAL B 217 1.20 17.37 5.08
C VAL B 217 -0.04 17.40 5.96
N VAL B 218 -1.13 16.79 5.51
CA VAL B 218 -2.36 16.81 6.27
C VAL B 218 -2.76 15.38 6.57
N ALA B 219 -3.11 15.10 7.82
CA ALA B 219 -3.65 13.79 8.20
C ALA B 219 -5.11 14.03 8.56
N HIS B 220 -6.01 13.65 7.66
CA HIS B 220 -7.43 13.89 7.86
C HIS B 220 -8.01 12.61 8.44
N LEU B 221 -8.26 12.60 9.74
CA LEU B 221 -8.51 11.33 10.44
C LEU B 221 -9.93 11.26 10.95
N GLY B 222 -10.63 10.19 10.59
CA GLY B 222 -12.01 10.00 11.01
C GLY B 222 -12.43 8.59 10.68
N SER B 223 -13.73 8.38 10.49
CA SER B 223 -14.27 7.06 10.15
C SER B 223 -13.54 6.56 8.91
N GLY B 224 -13.46 7.43 7.89
CA GLY B 224 -12.51 7.22 6.82
C GLY B 224 -11.38 8.22 7.01
N SER B 225 -10.15 7.76 6.92
CA SER B 225 -8.99 8.60 7.12
C SER B 225 -8.13 8.59 5.89
N SER B 226 -7.47 9.72 5.62
CA SER B 226 -6.46 9.77 4.59
C SER B 226 -5.42 10.80 4.96
N SER B 227 -4.37 10.85 4.14
CA SER B 227 -3.35 11.87 4.29
C SER B 227 -3.03 12.43 2.91
N CYS B 228 -2.55 13.65 2.86
CA CYS B 228 -2.29 14.32 1.60
C CYS B 228 -1.04 15.14 1.70
N CYS B 229 -0.24 15.13 0.64
CA CYS B 229 0.92 15.99 0.51
C CYS B 229 0.53 17.20 -0.35
N ILE B 230 0.62 18.40 0.21
CA ILE B 230 0.19 19.61 -0.47
C ILE B 230 1.40 20.51 -0.70
N LYS B 231 1.64 20.87 -1.96
CA LYS B 231 2.76 21.75 -2.29
C LYS B 231 2.22 22.91 -3.13
N ASN B 232 2.56 24.12 -2.72
CA ASN B 232 2.03 25.33 -3.33
C ASN B 232 0.52 25.30 -3.35
N GLY B 233 -0.08 24.80 -2.26
CA GLY B 233 -1.52 24.82 -2.13
C GLY B 233 -2.25 23.71 -2.88
N LYS B 234 -1.51 22.85 -3.58
CA LYS B 234 -2.10 21.79 -4.39
C LYS B 234 -1.73 20.39 -3.89
N SER B 235 -2.67 19.46 -3.99
CA SER B 235 -2.37 18.06 -3.74
C SER B 235 -1.35 17.54 -4.73
N ILE B 236 -0.24 16.97 -4.23
CA ILE B 236 0.67 16.25 -5.14
C ILE B 236 0.70 14.76 -4.89
N ASP B 237 0.09 14.30 -3.80
CA ASP B 237 -0.02 12.85 -3.55
C ASP B 237 -0.98 12.69 -2.39
N THR B 238 -1.59 11.51 -2.30
CA THR B 238 -2.57 11.29 -1.28
C THR B 238 -2.79 9.80 -1.10
N SER B 239 -3.30 9.41 0.07
CA SER B 239 -3.23 8.01 0.49
C SER B 239 -4.28 7.09 -0.13
N MET B 240 -5.38 7.64 -0.57
CA MET B 240 -6.44 6.79 -1.11
C MET B 240 -6.20 6.63 -2.59
N GLY B 241 -6.65 5.51 -3.16
CA GLY B 241 -6.35 5.19 -4.55
C GLY B 241 -7.57 5.27 -5.45
N LEU B 242 -7.85 4.17 -6.13
CA LEU B 242 -9.03 4.11 -6.99
C LEU B 242 -10.32 4.43 -6.24
N THR B 243 -10.44 3.94 -5.01
CA THR B 243 -11.59 4.20 -4.14
C THR B 243 -11.03 4.58 -2.76
N PRO B 244 -11.90 5.06 -1.86
CA PRO B 244 -11.47 5.39 -0.50
C PRO B 244 -11.02 4.18 0.30
N LEU B 245 -11.13 2.98 -0.28
CA LEU B 245 -10.70 1.78 0.41
C LEU B 245 -9.18 1.77 0.65
N GLU B 246 -8.43 2.19 -0.37
CA GLU B 246 -6.95 2.16 -0.36
C GLU B 246 -6.36 3.08 0.70
N GLY B 247 -5.24 2.69 1.27
CA GLY B 247 -4.57 3.52 2.25
C GLY B 247 -4.83 3.10 3.68
N LEU B 248 -5.26 4.04 4.52
CA LEU B 248 -5.44 3.75 5.94
C LEU B 248 -6.69 2.93 6.18
N LEU B 249 -6.62 2.00 7.13
CA LEU B 249 -7.78 1.28 7.55
C LEU B 249 -8.72 2.29 8.22
N GLY B 250 -10.00 1.95 8.31
CA GLY B 250 -10.97 2.86 8.89
C GLY B 250 -11.94 2.10 9.77
N GLY B 251 -13.05 2.73 10.13
CA GLY B 251 -14.06 2.12 10.98
C GLY B 251 -14.44 0.70 10.57
N THR B 252 -14.78 0.51 9.29
CA THR B 252 -15.13 -0.81 8.79
C THR B 252 -14.35 -1.17 7.52
N ARG B 253 -13.29 -0.43 7.24
CA ARG B 253 -12.58 -0.67 5.98
C ARG B 253 -11.16 -1.14 6.23
N SER B 254 -10.71 -2.08 5.40
CA SER B 254 -9.45 -2.76 5.63
C SER B 254 -8.27 -1.85 5.41
N GLY B 255 -8.43 -0.83 4.56
CA GLY B 255 -7.26 -0.11 4.08
C GLY B 255 -6.44 -1.00 3.15
N THR B 256 -5.20 -0.58 2.86
CA THR B 256 -4.33 -1.29 1.93
C THR B 256 -3.90 -2.68 2.43
N ILE B 257 -4.14 -3.68 1.59
CA ILE B 257 -3.76 -5.08 1.87
C ILE B 257 -3.38 -5.68 0.50
N ASP B 258 -2.77 -6.86 0.50
CA ASP B 258 -2.41 -7.54 -0.77
C ASP B 258 -3.69 -7.66 -1.61
N PRO B 259 -3.64 -7.25 -2.89
CA PRO B 259 -4.86 -7.31 -3.69
C PRO B 259 -5.40 -8.73 -3.84
N THR B 260 -4.61 -9.76 -3.58
CA THR B 260 -5.12 -11.12 -3.72
C THR B 260 -5.59 -11.70 -2.40
N ALA B 261 -5.40 -10.96 -1.31
CA ALA B 261 -5.84 -11.42 -0.01
C ALA B 261 -7.30 -11.86 0.00
N ILE B 262 -8.17 -11.05 -0.59
CA ILE B 262 -9.60 -11.30 -0.45
C ILE B 262 -10.02 -12.62 -1.11
N PHE B 263 -9.24 -13.07 -2.09
CA PHE B 263 -9.56 -14.31 -2.79
C PHE B 263 -9.28 -15.54 -1.94
N HIS B 264 -8.29 -15.47 -1.06
CA HIS B 264 -8.08 -16.51 -0.06
C HIS B 264 -9.16 -16.41 1.02
N HIS B 265 -9.56 -15.18 1.32
CA HIS B 265 -10.40 -14.94 2.47
C HIS B 265 -11.83 -15.46 2.25
N THR B 266 -12.29 -15.33 1.02
CA THR B 266 -13.70 -15.55 0.73
C THR B 266 -13.84 -16.22 -0.64
N GLU B 267 -14.63 -17.28 -0.69
CA GLU B 267 -14.88 -17.97 -1.95
C GLU B 267 -15.77 -17.10 -2.85
N ASP B 268 -15.57 -17.21 -4.16
CA ASP B 268 -16.40 -16.47 -5.13
C ASP B 268 -16.47 -14.98 -4.78
N ALA B 269 -15.32 -14.39 -4.47
CA ALA B 269 -15.27 -12.99 -4.01
C ALA B 269 -15.84 -12.00 -5.00
N ALA B 270 -15.79 -12.34 -6.28
CA ALA B 270 -16.15 -11.37 -7.32
C ALA B 270 -17.64 -11.35 -7.58
N SER B 271 -18.37 -12.26 -6.94
CA SER B 271 -19.81 -12.37 -7.16
C SER B 271 -20.61 -11.32 -6.42
N ASP B 272 -21.82 -11.06 -6.94
CA ASP B 272 -22.75 -10.14 -6.33
C ASP B 272 -22.99 -10.51 -4.86
N ALA B 273 -22.88 -9.53 -3.96
CA ALA B 273 -23.16 -9.75 -2.55
C ALA B 273 -24.66 -9.89 -2.34
N ASN B 274 -25.41 -9.38 -3.31
CA ASN B 274 -26.87 -9.36 -3.28
C ASN B 274 -27.43 -8.94 -1.93
N VAL B 275 -27.17 -7.68 -1.56
CA VAL B 275 -27.64 -7.10 -0.30
C VAL B 275 -27.83 -5.61 -0.53
N GLY B 276 -28.90 -5.03 0.04
CA GLY B 276 -29.26 -3.66 -0.28
C GLY B 276 -29.78 -3.61 -1.70
N ASP B 277 -29.91 -2.41 -2.29
CA ASP B 277 -30.38 -2.34 -3.68
C ASP B 277 -29.41 -1.74 -4.72
N PHE B 278 -28.18 -2.25 -4.73
CA PHE B 278 -27.28 -2.05 -5.86
C PHE B 278 -26.33 -3.23 -6.00
N THR B 279 -25.79 -3.40 -7.21
CA THR B 279 -24.84 -4.48 -7.52
C THR B 279 -23.46 -4.21 -6.92
N VAL B 280 -23.01 -5.09 -6.05
CA VAL B 280 -21.69 -4.94 -5.44
C VAL B 280 -21.12 -6.31 -5.08
N SER B 281 -19.82 -6.51 -5.35
CA SER B 281 -19.17 -7.80 -5.05
C SER B 281 -19.12 -8.06 -3.55
N LYS B 282 -19.02 -9.34 -3.17
CA LYS B 282 -18.84 -9.70 -1.77
C LYS B 282 -17.52 -9.11 -1.30
N ALA B 283 -16.53 -9.08 -2.20
CA ALA B 283 -15.21 -8.55 -1.86
C ALA B 283 -15.34 -7.12 -1.38
N GLU B 284 -15.98 -6.31 -2.21
CA GLU B 284 -16.15 -4.90 -1.88
C GLU B 284 -16.92 -4.70 -0.58
N ILE B 285 -17.95 -5.50 -0.35
CA ILE B 285 -18.67 -5.45 0.92
C ILE B 285 -17.78 -5.82 2.11
N ILE B 286 -17.04 -6.92 1.97
CA ILE B 286 -16.19 -7.36 3.05
C ILE B 286 -15.12 -6.31 3.38
N LEU B 287 -14.45 -5.81 2.35
CA LEU B 287 -13.32 -4.90 2.56
C LEU B 287 -13.77 -3.54 3.07
N ASN B 288 -15.01 -3.17 2.78
CA ASN B 288 -15.52 -1.85 3.17
C ASN B 288 -16.44 -1.83 4.40
N LYS B 289 -17.15 -2.93 4.66
CA LYS B 289 -18.16 -2.90 5.71
C LYS B 289 -17.82 -3.78 6.91
N ASN B 290 -16.94 -4.76 6.71
CA ASN B 290 -16.67 -5.76 7.74
C ASN B 290 -15.22 -5.82 8.21
N SER B 291 -14.42 -4.83 7.82
CA SER B 291 -13.00 -4.86 8.09
C SER B 291 -12.59 -3.73 9.03
N GLY B 292 -11.31 -3.35 9.02
CA GLY B 292 -10.87 -2.18 9.77
C GLY B 292 -11.08 -2.33 11.27
N PHE B 293 -11.37 -1.22 11.93
CA PHE B 293 -11.53 -1.18 13.38
C PHE B 293 -12.55 -2.21 13.83
N LYS B 294 -13.62 -2.37 13.06
CA LYS B 294 -14.65 -3.33 13.42
C LYS B 294 -14.07 -4.71 13.58
N ALA B 295 -13.26 -5.13 12.61
CA ALA B 295 -12.68 -6.47 12.64
C ALA B 295 -11.62 -6.63 13.72
N LEU B 296 -10.81 -5.59 13.94
CA LEU B 296 -9.66 -5.72 14.84
C LEU B 296 -10.00 -5.49 16.29
N ALA B 297 -10.89 -4.53 16.54
CA ALA B 297 -11.18 -4.07 17.90
C ALA B 297 -12.60 -4.38 18.32
N GLY B 298 -13.43 -4.82 17.37
CA GLY B 298 -14.82 -5.09 17.68
C GLY B 298 -15.60 -3.82 17.96
N THR B 299 -15.09 -2.69 17.47
CA THR B 299 -15.81 -1.42 17.55
C THR B 299 -15.39 -0.55 16.37
N THR B 300 -16.28 0.37 15.96
CA THR B 300 -16.00 1.25 14.82
C THR B 300 -15.52 2.59 15.31
N ASN B 301 -15.67 2.79 16.61
CA ASN B 301 -15.44 4.08 17.26
C ASN B 301 -14.01 4.18 17.78
N PHE B 302 -13.18 4.97 17.09
CA PHE B 302 -11.76 5.08 17.48
C PHE B 302 -11.59 5.71 18.84
N GLY B 303 -12.53 6.56 19.22
CA GLY B 303 -12.57 7.09 20.57
C GLY B 303 -12.67 6.04 21.66
N HIS B 304 -13.50 5.01 21.44
CA HIS B 304 -13.61 3.89 22.37
C HIS B 304 -12.28 3.13 22.41
N ILE B 305 -11.64 2.99 21.24
CA ILE B 305 -10.35 2.30 21.16
C ILE B 305 -9.30 3.01 22.01
N ILE B 306 -9.26 4.34 21.92
CA ILE B 306 -8.30 5.12 22.68
C ILE B 306 -8.54 4.99 24.19
N GLN B 307 -9.81 5.06 24.57
CA GLN B 307 -10.20 4.92 25.97
C GLN B 307 -9.71 3.58 26.50
N ASN B 308 -9.78 2.56 25.65
CA ASN B 308 -9.43 1.21 26.08
C ASN B 308 -7.94 0.92 26.11
N LEU B 309 -7.12 1.93 25.82
CA LEU B 309 -5.69 1.82 25.97
C LEU B 309 -5.34 1.79 27.46
N ASP B 310 -6.24 2.31 28.28
CA ASP B 310 -6.12 2.22 29.73
C ASP B 310 -6.79 0.92 30.17
N PRO B 311 -6.01 -0.03 30.72
CA PRO B 311 -6.55 -1.35 31.05
C PRO B 311 -7.58 -1.37 32.18
N SER B 312 -7.69 -0.28 32.93
CA SER B 312 -8.64 -0.22 34.04
C SER B 312 -10.06 -0.02 33.52
N LYS B 313 -10.18 0.41 32.27
CA LYS B 313 -11.49 0.82 31.74
C LYS B 313 -12.21 -0.28 30.96
N CYS B 314 -11.59 -1.44 30.82
CA CYS B 314 -12.20 -2.50 30.00
C CYS B 314 -11.67 -3.90 30.36
N SER B 315 -12.18 -4.91 29.67
CA SER B 315 -11.72 -6.27 29.88
C SER B 315 -10.30 -6.43 29.36
N GLU B 316 -9.64 -7.49 29.81
CA GLU B 316 -8.28 -7.77 29.35
C GLU B 316 -8.26 -7.92 27.82
N GLU B 317 -9.28 -8.57 27.28
CA GLU B 317 -9.30 -8.85 25.85
C GLU B 317 -9.51 -7.58 25.05
N ASP B 318 -10.43 -6.74 25.50
CA ASP B 318 -10.68 -5.50 24.79
C ASP B 318 -9.49 -4.55 24.91
N HIS B 319 -8.76 -4.62 26.02
CA HIS B 319 -7.56 -3.82 26.16
C HIS B 319 -6.50 -4.29 25.16
N GLU B 320 -6.37 -5.60 25.02
CA GLU B 320 -5.39 -6.11 24.05
C GLU B 320 -5.76 -5.74 22.61
N LYS B 321 -7.02 -5.88 22.25
CA LYS B 321 -7.46 -5.47 20.91
C LYS B 321 -7.29 -3.99 20.65
N ALA B 322 -7.59 -3.17 21.64
CA ALA B 322 -7.42 -1.72 21.48
C ALA B 322 -5.94 -1.38 21.26
N LYS B 323 -5.06 -1.97 22.05
CA LYS B 323 -3.65 -1.68 21.91
C LYS B 323 -3.17 -2.02 20.52
N LEU B 324 -3.58 -3.17 20.02
CA LEU B 324 -3.14 -3.58 18.69
C LEU B 324 -3.70 -2.65 17.62
N THR B 325 -5.01 -2.40 17.71
CA THR B 325 -5.67 -1.60 16.67
C THR B 325 -5.08 -0.19 16.63
N TYR B 326 -4.90 0.38 17.81
CA TYR B 326 -4.32 1.71 17.93
C TYR B 326 -2.92 1.71 17.33
N ALA B 327 -2.12 0.67 17.64
CA ALA B 327 -0.75 0.57 17.11
C ALA B 327 -0.74 0.34 15.61
N VAL B 328 -1.68 -0.45 15.10
CA VAL B 328 -1.80 -0.63 13.66
C VAL B 328 -2.11 0.69 12.97
N PHE B 329 -3.09 1.42 13.52
CA PHE B 329 -3.48 2.70 12.92
C PHE B 329 -2.33 3.68 12.93
N LEU B 330 -1.64 3.77 14.06
CA LEU B 330 -0.52 4.70 14.17
C LEU B 330 0.61 4.32 13.20
N ASP B 331 0.87 3.02 13.06
CA ASP B 331 1.95 2.59 12.17
C ASP B 331 1.64 2.97 10.73
N ARG B 332 0.41 2.73 10.29
CA ARG B 332 0.03 3.06 8.92
C ARG B 332 0.00 4.55 8.71
N LEU B 333 -0.48 5.28 9.70
CA LEU B 333 -0.52 6.75 9.57
C LEU B 333 0.90 7.31 9.41
N LEU B 334 1.82 6.86 10.24
CA LEU B 334 3.22 7.32 10.15
C LEU B 334 3.86 6.99 8.82
N ASN B 335 3.51 5.84 8.23
CA ASN B 335 4.01 5.54 6.90
C ASN B 335 3.69 6.65 5.89
N PHE B 336 2.45 7.10 5.87
CA PHE B 336 2.09 8.15 4.91
C PHE B 336 2.64 9.50 5.29
N VAL B 337 2.65 9.80 6.59
CA VAL B 337 3.25 11.06 7.01
C VAL B 337 4.73 11.06 6.59
N ALA B 338 5.39 9.92 6.77
CA ALA B 338 6.78 9.78 6.32
C ALA B 338 6.90 9.99 4.83
N GLN B 339 6.08 9.28 4.04
CA GLN B 339 6.17 9.45 2.58
C GLN B 339 6.03 10.90 2.19
N TYR B 340 5.05 11.58 2.78
CA TYR B 340 4.70 12.92 2.31
C TYR B 340 5.64 14.02 2.83
N LEU B 341 6.08 13.90 4.08
CA LEU B 341 7.13 14.81 4.56
C LEU B 341 8.38 14.64 3.71
N PHE B 342 8.76 13.41 3.41
CA PHE B 342 9.95 13.19 2.60
C PHE B 342 9.76 13.81 1.24
N LYS B 343 8.57 13.61 0.67
CA LYS B 343 8.24 14.19 -0.62
C LYS B 343 8.39 15.72 -0.63
N LEU B 344 7.85 16.40 0.38
CA LEU B 344 8.05 17.86 0.49
C LEU B 344 9.51 18.22 0.76
N LEU B 345 10.11 17.56 1.74
CA LEU B 345 11.46 17.91 2.16
C LEU B 345 12.50 17.65 1.07
N SER B 346 12.14 16.83 0.09
CA SER B 346 13.06 16.52 -1.00
C SER B 346 13.28 17.77 -1.88
N GLU B 347 12.40 18.75 -1.74
CA GLU B 347 12.53 19.97 -2.53
C GLU B 347 12.63 21.27 -1.73
N VAL B 348 12.00 21.33 -0.57
CA VAL B 348 12.02 22.57 0.20
C VAL B 348 12.57 22.34 1.59
N PRO B 349 13.29 23.33 2.12
CA PRO B 349 13.84 23.21 3.48
C PRO B 349 12.70 23.08 4.50
N ILE B 350 12.93 22.42 5.62
CA ILE B 350 11.85 22.23 6.59
C ILE B 350 11.33 23.56 7.13
N GLU B 351 12.19 24.57 7.11
CA GLU B 351 11.86 25.90 7.62
C GLU B 351 10.76 26.57 6.81
N SER B 352 10.62 26.16 5.56
CA SER B 352 9.62 26.77 4.68
C SER B 352 8.42 25.86 4.44
N ILE B 353 8.29 24.78 5.20
CA ILE B 353 6.99 24.10 5.14
C ILE B 353 6.11 24.55 6.29
N ASP B 354 4.82 24.64 6.04
CA ASP B 354 3.92 25.16 7.04
C ASP B 354 3.67 24.14 8.14
N GLY B 355 3.89 22.87 7.82
CA GLY B 355 4.00 21.84 8.83
C GLY B 355 3.10 20.65 8.61
N LEU B 356 2.67 20.06 9.72
CA LEU B 356 1.83 18.86 9.73
C LEU B 356 0.48 19.26 10.29
N VAL B 357 -0.59 19.00 9.54
CA VAL B 357 -1.92 19.39 9.98
C VAL B 357 -2.73 18.16 10.34
N PHE B 358 -3.39 18.21 11.50
CA PHE B 358 -4.35 17.18 11.88
C PHE B 358 -5.77 17.71 11.71
N SER B 359 -6.66 16.91 11.13
CA SER B 359 -8.04 17.32 10.93
C SER B 359 -8.95 16.10 10.96
N GLY B 360 -10.23 16.31 10.75
CA GLY B 360 -11.18 15.22 10.75
C GLY B 360 -11.66 14.97 12.16
N GLY B 361 -12.63 14.08 12.32
CA GLY B 361 -13.22 13.82 13.63
C GLY B 361 -12.21 13.30 14.61
N ILE B 362 -11.38 12.36 14.17
CA ILE B 362 -10.37 11.77 15.04
C ILE B 362 -9.21 12.73 15.18
N GLY B 363 -8.84 13.43 14.10
CA GLY B 363 -7.75 14.38 14.16
C GLY B 363 -7.97 15.56 15.09
N GLU B 364 -9.21 16.03 15.19
CA GLU B 364 -9.54 17.13 16.09
C GLU B 364 -9.59 16.74 17.56
N LYS B 365 -10.04 15.51 17.85
CA LYS B 365 -10.23 15.05 19.24
C LYS B 365 -9.03 14.32 19.83
N GLY B 366 -8.28 13.62 18.98
CA GLY B 366 -7.24 12.74 19.45
C GLY B 366 -5.95 13.41 19.88
N ALA B 367 -6.01 14.14 21.00
CA ALA B 367 -4.83 14.82 21.54
C ALA B 367 -3.67 13.86 21.74
N GLU B 368 -3.96 12.68 22.29
CA GLU B 368 -2.92 11.68 22.50
C GLU B 368 -2.37 11.10 21.21
N LEU B 369 -3.24 10.94 20.21
CA LEU B 369 -2.75 10.47 18.91
C LEU B 369 -1.80 11.50 18.29
N ARG B 370 -2.19 12.77 18.30
CA ARG B 370 -1.30 13.78 17.75
C ARG B 370 0.00 13.80 18.52
N ARG B 371 -0.09 13.64 19.84
CA ARG B 371 1.11 13.57 20.66
C ARG B 371 2.01 12.43 20.22
N ASP B 372 1.46 11.23 20.03
CA ASP B 372 2.27 10.08 19.60
C ASP B 372 2.91 10.25 18.22
N VAL B 373 2.17 10.84 17.30
CA VAL B 373 2.71 11.14 15.98
C VAL B 373 3.87 12.12 16.09
N LEU B 374 3.68 13.20 16.84
CA LEU B 374 4.73 14.20 16.93
C LEU B 374 5.95 13.66 17.63
N LYS B 375 5.73 12.74 18.59
CA LYS B 375 6.88 12.18 19.28
C LYS B 375 7.77 11.39 18.32
N LYS B 376 7.16 10.67 17.38
CA LYS B 376 7.92 9.94 16.36
C LYS B 376 8.70 10.86 15.42
N LEU B 377 8.30 12.13 15.38
CA LEU B 377 8.95 13.11 14.50
C LEU B 377 10.02 13.92 15.21
N ALA B 378 10.36 13.53 16.44
CA ALA B 378 11.37 14.23 17.24
C ALA B 378 12.66 14.43 16.49
N TRP B 379 13.07 13.40 15.76
CA TRP B 379 14.32 13.46 14.99
C TRP B 379 14.33 14.59 13.96
N LEU B 380 13.15 15.05 13.55
CA LEU B 380 13.06 16.18 12.63
C LEU B 380 13.00 17.50 13.38
N GLY B 381 12.86 17.44 14.70
CA GLY B 381 12.82 18.63 15.51
C GLY B 381 11.42 19.05 15.90
N ALA B 382 10.46 18.15 15.72
CA ALA B 382 9.10 18.39 16.18
C ALA B 382 9.05 18.31 17.71
N GLU B 383 8.28 19.21 18.31
CA GLU B 383 8.08 19.15 19.75
C GLU B 383 6.67 19.61 20.07
N VAL B 384 5.87 18.69 20.62
CA VAL B 384 4.51 19.04 20.99
C VAL B 384 4.50 20.08 22.13
N ASP B 385 3.46 20.91 22.17
CA ASP B 385 3.22 21.80 23.30
C ASP B 385 2.01 21.23 24.01
N GLU B 386 2.22 20.51 25.12
CA GLU B 386 1.13 19.83 25.83
C GLU B 386 -0.07 20.73 26.08
N GLU B 387 0.17 21.91 26.61
CA GLU B 387 -0.92 22.84 26.91
C GLU B 387 -1.69 23.24 25.64
N ALA B 388 -0.98 23.65 24.60
CA ALA B 388 -1.66 24.00 23.35
C ALA B 388 -2.36 22.79 22.74
N ASN B 389 -1.72 21.62 22.79
CA ASN B 389 -2.33 20.41 22.23
C ASN B 389 -3.66 20.06 22.89
N ASN B 390 -3.80 20.38 24.18
CA ASN B 390 -5.07 20.10 24.87
C ASN B 390 -5.98 21.30 24.98
N SER B 391 -5.55 22.43 24.43
CA SER B 391 -6.37 23.64 24.45
C SER B 391 -7.70 23.49 23.71
N ASN B 392 -8.77 23.96 24.36
CA ASN B 392 -10.06 24.02 23.70
C ASN B 392 -10.40 25.47 23.41
N SER B 393 -9.35 26.32 23.40
CA SER B 393 -9.50 27.76 23.18
C SER B 393 -10.50 28.06 22.08
N GLY B 394 -10.47 27.23 21.03
CA GLY B 394 -11.42 27.34 19.95
C GLY B 394 -10.74 28.03 18.80
N GLY B 395 -11.37 28.00 17.64
CA GLY B 395 -10.74 28.58 16.48
C GLY B 395 -10.50 27.51 15.44
N ALA B 396 -10.82 27.82 14.20
CA ALA B 396 -10.62 26.90 13.11
C ALA B 396 -9.16 26.43 12.98
N VAL B 397 -8.18 27.23 13.43
CA VAL B 397 -6.76 26.84 13.31
C VAL B 397 -5.99 26.97 14.63
N LYS B 398 -5.45 25.88 15.15
CA LYS B 398 -4.60 26.00 16.35
C LYS B 398 -3.25 25.31 16.24
N CYS B 399 -2.21 26.02 16.68
CA CYS B 399 -0.86 25.48 16.73
C CYS B 399 -0.74 24.54 17.92
N ILE B 400 -0.12 23.37 17.75
CA ILE B 400 0.01 22.45 18.87
C ILE B 400 1.46 22.12 19.18
N THR B 401 2.38 22.85 18.56
CA THR B 401 3.80 22.56 18.78
C THR B 401 4.48 23.72 19.51
N LYS B 402 5.65 23.46 20.10
CA LYS B 402 6.36 24.50 20.85
C LYS B 402 7.14 25.46 19.96
N GLU B 403 7.04 26.76 20.29
CA GLU B 403 7.79 27.80 19.60
C GLU B 403 9.10 27.30 18.98
N GLY B 404 9.84 26.46 19.72
CA GLY B 404 11.13 26.00 19.24
C GLY B 404 11.08 24.95 18.13
N SER B 405 9.89 24.40 17.87
CA SER B 405 9.74 23.27 16.97
C SER B 405 10.16 23.57 15.55
N LYS B 406 11.03 22.71 15.01
CA LYS B 406 11.50 22.85 13.64
C LYS B 406 10.36 22.48 12.69
N LEU B 407 9.44 21.67 13.18
CA LEU B 407 8.28 21.26 12.38
C LEU B 407 7.02 21.75 13.08
N LYS B 408 6.26 22.61 12.41
CA LYS B 408 5.02 23.13 13.05
C LYS B 408 3.91 22.12 12.94
N GLY B 409 3.09 22.04 13.97
CA GLY B 409 1.97 21.11 13.99
C GLY B 409 0.70 21.92 14.24
N TRP B 410 -0.38 21.52 13.60
CA TRP B 410 -1.64 22.25 13.66
C TRP B 410 -2.80 21.30 13.79
N VAL B 411 -3.89 21.81 14.36
CA VAL B 411 -5.19 21.18 14.24
C VAL B 411 -6.04 22.17 13.50
N VAL B 412 -6.67 21.74 12.41
CA VAL B 412 -7.53 22.63 11.63
C VAL B 412 -8.87 21.98 11.50
N GLU B 413 -9.91 22.74 11.79
CA GLU B 413 -11.28 22.24 11.70
C GLU B 413 -11.78 22.41 10.27
N THR B 414 -12.15 21.31 9.62
CA THR B 414 -12.68 21.40 8.25
C THR B 414 -14.06 22.04 8.23
N ASP B 415 -14.35 22.75 7.16
CA ASP B 415 -15.71 23.19 6.90
C ASP B 415 -16.09 22.80 5.48
N GLU B 416 -16.49 21.53 5.31
CA GLU B 416 -16.77 21.05 3.97
C GLU B 416 -17.99 21.72 3.38
N GLU B 417 -19.01 21.98 4.20
CA GLU B 417 -20.26 22.56 3.68
C GLU B 417 -19.99 23.99 3.25
N GLY B 418 -19.20 24.69 4.06
CA GLY B 418 -18.77 26.05 3.71
C GLY B 418 -17.93 26.09 2.44
N TRP B 419 -17.07 25.08 2.24
CA TRP B 419 -16.27 25.03 1.03
C TRP B 419 -17.17 24.75 -0.17
N MET B 420 -18.14 23.86 -0.01
CA MET B 420 -19.10 23.60 -1.08
C MET B 420 -19.84 24.86 -1.50
N ALA B 421 -20.20 25.68 -0.50
CA ALA B 421 -20.91 26.91 -0.80
C ALA B 421 -20.02 27.85 -1.60
N ARG B 422 -18.75 27.90 -1.26
CA ARG B 422 -17.79 28.69 -2.04
C ARG B 422 -17.69 28.19 -3.48
N MET B 423 -17.58 26.87 -3.67
CA MET B 423 -17.55 26.31 -5.02
C MET B 423 -18.83 26.57 -5.78
N ALA B 424 -19.97 26.60 -5.10
CA ALA B 424 -21.24 26.86 -5.77
C ALA B 424 -21.27 28.30 -6.29
N LYS B 425 -20.76 29.19 -5.47
CA LYS B 425 -20.70 30.61 -5.80
C LYS B 425 -19.96 30.79 -7.12
N GLU B 426 -18.84 30.10 -7.27
CA GLU B 426 -18.05 30.22 -8.49
C GLU B 426 -18.72 29.57 -9.68
N GLU B 427 -19.45 28.49 -9.42
CA GLU B 427 -20.17 27.74 -10.46
C GLU B 427 -21.38 28.49 -11.00
N PHE B 428 -22.16 29.06 -10.09
CA PHE B 428 -23.43 29.70 -10.46
C PHE B 428 -23.28 31.21 -10.60
N GLY B 429 -22.17 31.75 -10.10
CA GLY B 429 -21.89 33.16 -10.27
C GLY B 429 -22.69 34.04 -9.34
N PHE B 430 -22.90 33.58 -8.11
CA PHE B 430 -23.50 34.43 -7.10
C PHE B 430 -22.44 35.42 -6.70
N LEU B 431 -22.82 36.69 -6.63
CA LEU B 431 -22.09 37.66 -5.85
C LEU B 431 -23.01 38.83 -5.61
N GLU B 432 -22.98 39.37 -4.39
CA GLU B 432 -23.81 40.52 -4.09
C GLU B 432 -23.12 41.77 -4.60
N HIS B 433 -23.90 42.63 -5.25
CA HIS B 433 -23.31 43.78 -5.91
C HIS B 433 -23.16 44.95 -4.93
N HIS B 434 -22.29 45.91 -5.30
CA HIS B 434 -22.04 47.11 -4.51
C HIS B 434 -21.52 46.79 -3.11
#